data_4FJY
#
_entry.id   4FJY
#
_cell.length_a   144.223
_cell.length_b   67.711
_cell.length_c   106.772
_cell.angle_alpha   90.000
_cell.angle_beta   95.080
_cell.angle_gamma   90.000
#
_symmetry.space_group_name_H-M   'C 1 2 1'
#
loop_
_entity.id
_entity.type
_entity.pdbx_description
1 polymer 'Phosphatidylinositol 4,5-bisphosphate 3-kinase catalytic subunit gamma isoform'
2 non-polymer 'SULFATE ION'
3 non-polymer 4-[3,3-dimethyl-6-(morpholin-4-yl)-2,3-dihydro-1H-indol-1-yl]-7-fluoro-3-methyl-2-(pyridin-3-yl)quinoline
4 water water
#
_entity_poly.entity_id   1
_entity_poly.type   'polypeptide(L)'
_entity_poly.pdbx_seq_one_letter_code
;GSEESQAFQRQLTALIGYDVTDVSNVHDDELEFTRRGLVTPRMAEVASRDPKLYAMHPWVTSKPLPEYLWKKIANNCIFI
VIHRSTTSQTIKVSPDDTPGAILQSFFTKMAKKKSLMDIPESQSEQDFVLRVCGRDEYLVGETPIKNFQWVRHCLKNGEE
IHVVLDTPPDPALDEVRKEEWPLVDDCTGVTGYHEQLTIHGKDHESVFTVSLWDCDRKFRVKIRGIDIPVLPRNTDLTVF
VEANIQHGQQVLCQRRTSPKPFTEEVLWNVWLEFSIKIKDLPKGALLNLQIYCGKAPALSSKASAESPSSESKGKVQLLY
YVNLLLIDHRFLLRRGEYVLHMWQISGKGEDQGSFNADKLTSATNPDKENSMSISILLDNYCHPIALPKHQPTPDPEGDR
VRAEMPNQLRKQLEAIIATDPLNPLTAEDKELLWHFRYESLKHPKAYPKLFSSVKWGQQEIVAKTYQLLARREVWDQSAL
DVGLTMQLLDCNFSDENVRAIAVQKLESLEDDDVLHYLLQLVQAVKFEPYHDSALARFLLKRGLRNKRIGHFLFWFLRSE
IAQSRHYQQRFAVILEAYLRGCGTAMLHDFTQQVQVIEMLQKVTLDIKSLSAEKYDVSSQVISQLKQKLENLQNSQLPES
FRVPYDPGLKAGALAIEKCKVMASKKKPLWLEFKCADPTALSNETIGIIFKHGDDLRQDMLILQILRIMESIWETESLDL
CLLPYGCISTGDKIGMIEIVKDATTIAKIQQSTVGNTGAFKDEVLNHWLKEKSPTEEKFQAAVERFVYSCAGYCVATFVL
GIGDRHNDNIMITETGNLFHIDFGHILGNYKSFLGINKERVPFVLTPDFLFVMGTSGKKTSPHFQKFQDICVKAYLALRH
HTNLLIILFSMMLMTGMPQLTSKEDIEYIRDALTVGKNEEDAKKYFLDQIEVCRDKGWTVQFNWFLHLVLGIKQGEKHSA
;
_entity_poly.pdbx_strand_id   A
#
loop_
_chem_comp.id
_chem_comp.type
_chem_comp.name
_chem_comp.formula
FJY non-polymer 4-[3,3-dimethyl-6-(morpholin-4-yl)-2,3-dihydro-1H-indol-1-yl]-7-fluoro-3-methyl-2-(pyridin-3-yl)quinoline 'C29 H29 F N4 O'
SO4 non-polymer 'SULFATE ION' 'O4 S -2'
#
# COMPACT_ATOMS: atom_id res chain seq x y z
N SER A 2 0.01 11.09 -36.29
CA SER A 2 -1.32 11.42 -35.72
C SER A 2 -1.44 12.91 -35.38
N GLU A 3 -2.68 13.41 -35.31
CA GLU A 3 -2.94 14.83 -35.06
C GLU A 3 -3.78 15.10 -33.81
N GLU A 4 -4.55 14.11 -33.38
CA GLU A 4 -5.28 14.20 -32.12
C GLU A 4 -4.60 13.39 -31.01
N SER A 5 -3.42 12.85 -31.34
CA SER A 5 -2.51 12.32 -30.32
C SER A 5 -1.65 13.46 -29.78
N GLN A 6 -1.61 14.55 -30.54
CA GLN A 6 -0.94 15.79 -30.16
C GLN A 6 -1.50 16.37 -28.87
N ALA A 7 -2.81 16.21 -28.66
CA ALA A 7 -3.47 16.56 -27.41
C ALA A 7 -3.38 15.40 -26.42
N PHE A 8 -3.81 14.23 -26.89
CA PHE A 8 -3.97 13.04 -26.06
C PHE A 8 -2.70 12.63 -25.31
N GLN A 9 -1.58 12.53 -26.03
CA GLN A 9 -0.30 12.14 -25.41
C GLN A 9 0.19 13.20 -24.43
N ARG A 10 0.10 14.47 -24.83
CA ARG A 10 0.45 15.60 -23.96
C ARG A 10 -0.46 15.62 -22.74
N GLN A 11 -1.73 15.25 -22.94
CA GLN A 11 -2.70 15.14 -21.87
C GLN A 11 -2.33 14.00 -20.93
N LEU A 12 -1.91 12.87 -21.51
CA LEU A 12 -1.47 11.73 -20.72
C LEU A 12 -0.24 12.07 -19.89
N THR A 13 0.69 12.85 -20.43
CA THR A 13 1.89 13.20 -19.70
C THR A 13 1.57 14.14 -18.53
N ALA A 14 0.60 15.03 -18.73
CA ALA A 14 0.13 15.92 -17.65
C ALA A 14 -0.59 15.14 -16.55
N LEU A 15 -1.20 14.01 -16.92
CA LEU A 15 -1.96 13.21 -15.97
C LEU A 15 -1.09 12.20 -15.25
N ILE A 16 -0.05 11.75 -15.95
CA ILE A 16 0.87 10.74 -15.43
C ILE A 16 1.93 11.40 -14.57
N GLY A 17 2.35 12.60 -14.96
CA GLY A 17 3.42 13.32 -14.27
C GLY A 17 4.79 12.87 -14.71
N TYR A 18 4.85 12.21 -15.87
CA TYR A 18 6.10 11.70 -16.44
C TYR A 18 5.94 11.45 -17.94
N ASP A 19 6.90 11.93 -18.72
CA ASP A 19 6.91 11.70 -20.16
C ASP A 19 7.29 10.25 -20.49
N VAL A 20 6.27 9.44 -20.76
CA VAL A 20 6.42 8.02 -21.07
C VAL A 20 7.21 7.75 -22.35
N THR A 21 7.08 8.64 -23.34
CA THR A 21 7.72 8.46 -24.65
C THR A 21 9.23 8.71 -24.62
N ASP A 22 9.67 9.53 -23.67
CA ASP A 22 11.07 9.93 -23.57
C ASP A 22 11.98 8.72 -23.51
N VAL A 23 13.10 8.77 -24.22
CA VAL A 23 14.05 7.64 -24.25
C VAL A 23 15.48 8.10 -23.92
N SER A 24 15.58 9.22 -23.20
CA SER A 24 16.86 9.75 -22.76
C SER A 24 17.48 8.92 -21.64
N ASN A 25 16.63 8.25 -20.86
CA ASN A 25 17.11 7.37 -19.79
C ASN A 25 16.76 5.89 -19.98
N VAL A 26 17.27 5.34 -21.09
CA VAL A 26 17.23 3.90 -21.34
C VAL A 26 18.54 3.43 -21.95
N HIS A 27 18.69 2.11 -22.10
CA HIS A 27 19.84 1.51 -22.75
C HIS A 27 19.39 0.27 -23.47
N ASP A 28 18.08 0.21 -23.68
CA ASP A 28 17.40 -0.87 -24.40
C ASP A 28 15.96 -0.40 -24.61
N ASP A 29 15.11 -1.30 -25.10
CA ASP A 29 13.77 -0.90 -25.50
C ASP A 29 12.65 -1.57 -24.69
N GLU A 30 12.95 -1.99 -23.45
CA GLU A 30 11.96 -2.71 -22.65
C GLU A 30 10.69 -1.90 -22.37
N LEU A 31 10.88 -0.64 -21.94
CA LEU A 31 9.76 0.24 -21.61
C LEU A 31 8.82 0.45 -22.80
N GLU A 32 9.38 0.71 -23.97
CA GLU A 32 8.59 0.92 -25.17
C GLU A 32 7.87 -0.35 -25.58
N PHE A 33 8.61 -1.46 -25.53
CA PHE A 33 8.07 -2.80 -25.73
C PHE A 33 6.86 -3.02 -24.82
N THR A 34 7.01 -2.71 -23.54
CA THR A 34 5.96 -2.96 -22.55
C THR A 34 4.71 -2.11 -22.79
N ARG A 35 4.89 -0.93 -23.35
CA ARG A 35 3.75 -0.14 -23.77
C ARG A 35 2.95 -0.93 -24.79
N ARG A 36 3.63 -1.41 -25.84
CA ARG A 36 3.00 -2.19 -26.90
C ARG A 36 2.43 -3.52 -26.40
N GLY A 37 3.17 -4.17 -25.51
CA GLY A 37 2.76 -5.46 -24.95
C GLY A 37 1.51 -5.41 -24.10
N LEU A 38 1.14 -4.21 -23.65
CA LEU A 38 0.02 -4.03 -22.74
C LEU A 38 -1.27 -3.65 -23.43
N VAL A 39 -1.17 -3.39 -24.74
CA VAL A 39 -2.32 -2.98 -25.54
C VAL A 39 -3.39 -4.08 -25.51
N THR A 40 -2.95 -5.31 -25.75
CA THR A 40 -3.84 -6.47 -25.79
C THR A 40 -4.63 -6.64 -24.49
N PRO A 41 -3.94 -6.79 -23.34
CA PRO A 41 -4.67 -6.93 -22.08
C PRO A 41 -5.61 -5.77 -21.78
N ARG A 42 -5.31 -4.58 -22.30
CA ARG A 42 -6.19 -3.43 -22.19
C ARG A 42 -7.41 -3.60 -23.09
N MET A 43 -7.16 -3.82 -24.38
CA MET A 43 -8.23 -4.03 -25.35
C MET A 43 -9.18 -5.12 -24.86
N ALA A 44 -8.60 -6.17 -24.27
CA ALA A 44 -9.38 -7.30 -23.76
C ALA A 44 -10.35 -6.92 -22.64
N GLU A 45 -9.89 -6.09 -21.69
CA GLU A 45 -10.76 -5.67 -20.61
C GLU A 45 -11.73 -4.58 -21.04
N VAL A 46 -11.21 -3.61 -21.80
CA VAL A 46 -12.05 -2.53 -22.32
C VAL A 46 -13.24 -3.13 -23.04
N ALA A 47 -12.98 -4.12 -23.89
CA ALA A 47 -14.04 -4.72 -24.71
C ALA A 47 -14.97 -5.66 -23.94
N SER A 48 -14.45 -6.40 -22.97
CA SER A 48 -15.27 -7.41 -22.27
C SER A 48 -16.08 -6.90 -21.06
N ARG A 49 -15.81 -5.68 -20.60
CA ARG A 49 -16.52 -5.15 -19.43
C ARG A 49 -17.92 -4.66 -19.79
N ASP A 50 -18.88 -4.87 -18.90
CA ASP A 50 -20.25 -4.42 -19.13
C ASP A 50 -20.32 -2.89 -19.03
N PRO A 51 -20.79 -2.24 -20.11
CA PRO A 51 -20.86 -0.77 -20.19
C PRO A 51 -21.53 -0.10 -18.98
N LYS A 52 -22.71 -0.62 -18.60
CA LYS A 52 -23.56 0.01 -17.59
C LYS A 52 -23.08 -0.25 -16.16
N LEU A 53 -22.69 -1.48 -15.88
CA LEU A 53 -22.11 -1.83 -14.57
C LEU A 53 -20.79 -1.10 -14.31
N TYR A 54 -20.05 -0.83 -15.37
CA TYR A 54 -18.84 -0.06 -15.29
C TYR A 54 -19.16 1.40 -15.01
N ALA A 55 -20.26 1.88 -15.57
CA ALA A 55 -20.67 3.27 -15.38
C ALA A 55 -21.13 3.52 -13.95
N MET A 56 -21.79 2.53 -13.36
CA MET A 56 -22.36 2.69 -12.03
C MET A 56 -21.50 2.07 -10.93
N HIS A 57 -20.52 1.27 -11.33
CA HIS A 57 -19.50 0.71 -10.43
C HIS A 57 -20.01 0.32 -9.07
N PRO A 58 -21.07 -0.52 -9.01
CA PRO A 58 -21.64 -0.79 -7.70
C PRO A 58 -20.59 -1.41 -6.77
N TRP A 59 -20.51 -0.94 -5.54
CA TRP A 59 -19.48 -1.39 -4.63
C TRP A 59 -20.05 -2.41 -3.68
N VAL A 60 -19.68 -3.66 -3.92
CA VAL A 60 -20.33 -4.79 -3.26
C VAL A 60 -19.34 -5.83 -2.72
N THR A 61 -19.78 -6.53 -1.68
CA THR A 61 -18.99 -7.58 -1.05
C THR A 61 -19.79 -8.88 -1.04
N SER A 62 -19.12 -9.99 -0.73
CA SER A 62 -19.80 -11.28 -0.66
C SER A 62 -19.45 -12.02 0.62
N LYS A 63 -18.77 -11.31 1.51
CA LYS A 63 -18.55 -11.83 2.85
C LYS A 63 -19.90 -11.84 3.59
N PRO A 64 -20.00 -12.65 4.66
CA PRO A 64 -21.21 -12.57 5.45
C PRO A 64 -21.33 -11.21 6.13
N LEU A 65 -22.56 -10.74 6.30
CA LEU A 65 -22.84 -9.57 7.12
C LEU A 65 -22.51 -9.97 8.55
N PRO A 66 -21.53 -9.29 9.17
CA PRO A 66 -20.96 -9.70 10.46
C PRO A 66 -21.99 -9.78 11.59
N GLU A 67 -21.58 -10.43 12.68
CA GLU A 67 -22.46 -10.58 13.84
C GLU A 67 -22.82 -9.25 14.47
N TYR A 68 -21.89 -8.30 14.45
CA TYR A 68 -22.13 -6.99 15.03
C TYR A 68 -23.16 -6.15 14.26
N LEU A 69 -23.34 -6.45 12.98
CA LEU A 69 -24.33 -5.74 12.17
C LEU A 69 -25.71 -6.44 12.09
N TRP A 70 -25.74 -7.76 12.28
CA TRP A 70 -27.02 -8.48 12.37
C TRP A 70 -27.73 -8.12 13.64
N LYS A 71 -26.98 -7.98 14.72
CA LYS A 71 -27.51 -7.57 16.02
C LYS A 71 -28.07 -6.14 15.97
N LYS A 72 -27.85 -5.46 14.84
CA LYS A 72 -28.38 -4.11 14.61
C LYS A 72 -29.58 -4.11 13.66
N ILE A 73 -29.91 -5.27 13.09
CA ILE A 73 -31.09 -5.38 12.25
C ILE A 73 -32.33 -5.38 13.14
N ALA A 74 -33.35 -4.65 12.73
CA ALA A 74 -34.60 -4.56 13.47
C ALA A 74 -35.64 -5.50 12.85
N ASN A 75 -35.85 -6.64 13.50
CA ASN A 75 -36.81 -7.66 13.06
C ASN A 75 -36.73 -8.01 11.57
N ASN A 76 -35.52 -8.30 11.11
CA ASN A 76 -35.27 -8.68 9.72
C ASN A 76 -35.73 -7.60 8.72
N CYS A 77 -35.71 -6.34 9.17
CA CYS A 77 -36.16 -5.22 8.38
C CYS A 77 -35.23 -4.01 8.51
N ILE A 78 -34.82 -3.46 7.37
CA ILE A 78 -34.07 -2.20 7.33
C ILE A 78 -34.87 -1.13 6.57
N PHE A 79 -34.69 0.12 6.99
CA PHE A 79 -35.44 1.23 6.39
C PHE A 79 -34.58 1.98 5.37
N ILE A 80 -35.21 2.32 4.25
CA ILE A 80 -34.56 3.06 3.16
C ILE A 80 -35.44 4.24 2.75
N VAL A 81 -34.89 5.45 2.82
CA VAL A 81 -35.63 6.65 2.45
C VAL A 81 -35.36 6.99 0.99
N ILE A 82 -36.42 7.18 0.21
CA ILE A 82 -36.30 7.44 -1.23
C ILE A 82 -36.74 8.86 -1.56
N HIS A 83 -35.92 9.56 -2.34
CA HIS A 83 -36.14 10.98 -2.64
C HIS A 83 -36.44 11.26 -4.08
N ARG A 84 -37.43 12.13 -4.32
CA ARG A 84 -37.82 12.56 -5.66
C ARG A 84 -37.39 14.01 -5.93
N SER A 85 -38.26 14.97 -5.61
CA SER A 85 -37.93 16.38 -5.70
C SER A 85 -37.73 16.91 -4.29
N THR A 86 -38.82 17.42 -3.71
CA THR A 86 -38.87 17.80 -2.30
C THR A 86 -39.28 16.56 -1.51
N THR A 87 -40.41 15.97 -1.89
CA THR A 87 -41.04 14.89 -1.13
C THR A 87 -40.28 13.56 -1.24
N SER A 88 -40.27 12.84 -0.13
CA SER A 88 -39.62 11.55 0.00
C SER A 88 -40.42 10.69 0.96
N GLN A 89 -40.33 9.36 0.82
CA GLN A 89 -40.93 8.44 1.79
C GLN A 89 -40.10 7.20 2.07
N THR A 90 -40.20 6.70 3.29
CA THR A 90 -39.44 5.56 3.77
C THR A 90 -40.12 4.25 3.38
N ILE A 91 -39.32 3.23 3.10
CA ILE A 91 -39.81 1.91 2.71
C ILE A 91 -39.15 0.81 3.55
N LYS A 92 -39.97 -0.10 4.07
CA LYS A 92 -39.51 -1.29 4.78
C LYS A 92 -38.85 -2.25 3.79
N VAL A 93 -37.72 -2.83 4.16
CA VAL A 93 -36.98 -3.75 3.29
C VAL A 93 -36.36 -4.91 4.09
N SER A 94 -36.18 -6.06 3.44
CA SER A 94 -35.53 -7.22 4.06
C SER A 94 -34.15 -7.45 3.46
N PRO A 95 -33.11 -7.59 4.32
CA PRO A 95 -31.70 -7.64 3.89
C PRO A 95 -31.44 -8.33 2.57
N ASP A 96 -32.28 -9.29 2.20
CA ASP A 96 -32.08 -10.05 0.98
C ASP A 96 -32.61 -9.36 -0.28
N ASP A 97 -33.39 -8.30 -0.09
CA ASP A 97 -33.97 -7.56 -1.21
C ASP A 97 -32.93 -7.02 -2.20
N THR A 98 -33.07 -7.41 -3.47
CA THR A 98 -32.24 -6.85 -4.53
C THR A 98 -32.79 -5.46 -4.92
N PRO A 99 -31.92 -4.56 -5.42
CA PRO A 99 -32.35 -3.25 -5.93
C PRO A 99 -33.54 -3.31 -6.88
N GLY A 100 -33.55 -4.28 -7.80
CA GLY A 100 -34.67 -4.49 -8.72
C GLY A 100 -35.96 -4.86 -7.99
N ALA A 101 -35.82 -5.67 -6.94
CA ALA A 101 -36.92 -6.04 -6.04
C ALA A 101 -37.35 -4.88 -5.14
N ILE A 102 -36.68 -3.74 -5.30
CA ILE A 102 -37.04 -2.52 -4.59
C ILE A 102 -37.61 -1.50 -5.59
N LEU A 103 -37.23 -1.64 -6.85
CA LEU A 103 -37.72 -0.78 -7.93
C LEU A 103 -39.19 -1.02 -8.26
N GLN A 104 -39.55 -2.29 -8.48
CA GLN A 104 -40.94 -2.69 -8.76
C GLN A 104 -41.87 -2.42 -7.57
N SER A 105 -41.29 -2.09 -6.41
CA SER A 105 -42.06 -1.82 -5.19
C SER A 105 -42.75 -0.44 -5.19
N PHE A 106 -43.47 -0.14 -6.28
CA PHE A 106 -44.31 1.06 -6.36
C PHE A 106 -45.78 0.72 -6.58
N ASP A 127 -36.67 3.60 -17.41
CA ASP A 127 -36.05 2.85 -16.33
C ASP A 127 -35.08 3.67 -15.50
N PHE A 128 -35.27 3.61 -14.19
CA PHE A 128 -34.53 4.41 -13.22
C PHE A 128 -33.53 3.58 -12.39
N VAL A 129 -32.83 4.24 -11.48
CA VAL A 129 -31.74 3.63 -10.71
C VAL A 129 -31.58 4.35 -9.37
N LEU A 130 -31.39 3.57 -8.30
CA LEU A 130 -31.21 4.15 -6.96
C LEU A 130 -29.79 4.64 -6.67
N ARG A 131 -29.59 5.96 -6.74
CA ARG A 131 -28.29 6.55 -6.40
C ARG A 131 -28.27 6.97 -4.93
N VAL A 132 -27.13 6.83 -4.28
CA VAL A 132 -27.02 7.28 -2.88
C VAL A 132 -27.03 8.81 -2.79
N CYS A 133 -27.68 9.33 -1.75
CA CYS A 133 -27.74 10.77 -1.53
C CYS A 133 -26.39 11.32 -1.11
N GLY A 134 -25.88 12.25 -1.91
CA GLY A 134 -24.63 12.95 -1.64
C GLY A 134 -23.46 12.49 -2.48
N ARG A 135 -23.54 11.28 -2.99
CA ARG A 135 -22.38 10.61 -3.55
C ARG A 135 -22.58 10.18 -5.01
N ASP A 136 -21.47 9.86 -5.67
CA ASP A 136 -21.53 9.17 -6.96
C ASP A 136 -21.38 7.69 -6.66
N GLU A 137 -22.31 7.19 -5.85
CA GLU A 137 -22.41 5.79 -5.46
C GLU A 137 -23.80 5.28 -5.81
N TYR A 138 -23.87 4.06 -6.34
CA TYR A 138 -25.13 3.47 -6.77
C TYR A 138 -25.44 2.17 -6.06
N LEU A 139 -26.73 1.90 -5.90
CA LEU A 139 -27.21 0.60 -5.43
C LEU A 139 -27.90 -0.14 -6.56
N VAL A 140 -27.10 -0.65 -7.51
CA VAL A 140 -27.62 -1.47 -8.62
C VAL A 140 -26.95 -2.84 -8.69
N GLY A 141 -27.69 -3.81 -9.22
CA GLY A 141 -27.11 -5.12 -9.54
C GLY A 141 -27.70 -6.30 -8.80
N GLU A 142 -27.44 -7.49 -9.33
CA GLU A 142 -27.97 -8.72 -8.76
C GLU A 142 -27.17 -9.15 -7.54
N THR A 143 -27.26 -8.32 -6.50
CA THR A 143 -26.75 -8.62 -5.17
C THR A 143 -27.75 -8.05 -4.17
N PRO A 144 -27.96 -8.72 -3.03
CA PRO A 144 -28.85 -8.21 -2.00
C PRO A 144 -28.37 -6.86 -1.48
N ILE A 145 -29.28 -6.04 -0.95
CA ILE A 145 -28.90 -4.70 -0.47
C ILE A 145 -27.91 -4.72 0.70
N LYS A 146 -27.96 -5.78 1.50
CA LYS A 146 -27.01 -5.96 2.60
C LYS A 146 -25.57 -6.17 2.10
N ASN A 147 -25.41 -6.44 0.81
CA ASN A 147 -24.09 -6.74 0.23
C ASN A 147 -23.37 -5.53 -0.36
N PHE A 148 -24.09 -4.42 -0.47
CA PHE A 148 -23.50 -3.14 -0.85
C PHE A 148 -22.81 -2.56 0.38
N GLN A 149 -21.57 -2.08 0.21
CA GLN A 149 -20.80 -1.54 1.32
C GLN A 149 -21.47 -0.32 1.93
N TRP A 150 -22.14 0.47 1.10
CA TRP A 150 -22.76 1.69 1.61
C TRP A 150 -23.77 1.38 2.67
N VAL A 151 -24.58 0.35 2.45
CA VAL A 151 -25.57 -0.06 3.42
C VAL A 151 -24.87 -0.54 4.69
N ARG A 152 -23.86 -1.39 4.52
CA ARG A 152 -23.08 -1.89 5.65
C ARG A 152 -22.43 -0.76 6.44
N HIS A 153 -22.18 0.36 5.76
CA HIS A 153 -21.65 1.56 6.42
C HIS A 153 -22.68 2.27 7.24
N CYS A 154 -23.90 2.31 6.73
CA CYS A 154 -25.00 3.02 7.40
C CYS A 154 -25.45 2.30 8.67
N LEU A 155 -25.31 0.99 8.69
CA LEU A 155 -25.55 0.20 9.89
C LEU A 155 -24.40 0.38 10.88
N LYS A 156 -23.18 0.35 10.34
CA LYS A 156 -21.95 0.49 11.12
C LYS A 156 -22.05 1.69 12.06
N ASN A 157 -22.24 2.88 11.47
CA ASN A 157 -22.33 4.13 12.22
C ASN A 157 -23.70 4.40 12.82
N GLY A 158 -24.74 3.84 12.20
CA GLY A 158 -26.12 3.98 12.69
C GLY A 158 -26.88 5.09 11.99
N GLU A 159 -26.81 5.10 10.67
CA GLU A 159 -27.49 6.11 9.86
C GLU A 159 -28.59 5.48 9.05
N GLU A 160 -29.53 6.33 8.60
CA GLU A 160 -30.60 5.91 7.70
C GLU A 160 -30.09 5.92 6.26
N ILE A 161 -30.55 4.96 5.46
CA ILE A 161 -30.09 4.83 4.09
C ILE A 161 -30.88 5.73 3.17
N HIS A 162 -30.24 6.82 2.74
CA HIS A 162 -30.90 7.79 1.87
C HIS A 162 -30.45 7.67 0.44
N VAL A 163 -31.41 7.33 -0.41
CA VAL A 163 -31.19 7.06 -1.82
C VAL A 163 -31.97 8.10 -2.64
N VAL A 164 -31.67 8.21 -3.93
CA VAL A 164 -32.43 9.09 -4.83
C VAL A 164 -32.79 8.39 -6.13
N LEU A 165 -34.04 8.54 -6.55
CA LEU A 165 -34.47 8.00 -7.82
C LEU A 165 -33.79 8.79 -8.94
N ASP A 166 -32.78 8.18 -9.54
CA ASP A 166 -32.00 8.82 -10.60
C ASP A 166 -32.08 8.03 -11.91
N THR A 167 -31.84 8.73 -13.02
CA THR A 167 -31.66 8.10 -14.32
C THR A 167 -30.20 7.67 -14.38
N PRO A 168 -29.95 6.40 -14.79
CA PRO A 168 -28.58 5.88 -14.87
C PRO A 168 -27.66 6.70 -15.77
N PRO A 169 -26.38 6.84 -15.36
CA PRO A 169 -25.41 7.57 -16.17
C PRO A 169 -25.11 6.84 -17.48
N ASP A 170 -24.84 7.63 -18.51
CA ASP A 170 -24.65 7.14 -19.87
C ASP A 170 -23.27 6.49 -20.04
N PRO A 171 -23.23 5.22 -20.53
CA PRO A 171 -21.99 4.54 -20.92
C PRO A 171 -21.24 5.20 -22.07
N ALA A 172 -21.92 6.03 -22.86
CA ALA A 172 -21.27 6.78 -23.94
C ALA A 172 -20.15 7.67 -23.41
N LEU A 173 -20.26 8.03 -22.14
CA LEU A 173 -19.27 8.85 -21.45
C LEU A 173 -18.03 8.02 -21.07
N ASP A 174 -18.22 6.71 -20.92
CA ASP A 174 -17.13 5.76 -20.66
C ASP A 174 -16.41 5.34 -21.92
N GLU A 175 -16.88 5.85 -23.06
CA GLU A 175 -16.34 5.49 -24.36
C GLU A 175 -14.82 5.62 -24.36
N VAL A 176 -14.17 4.62 -24.95
CA VAL A 176 -12.72 4.63 -25.04
C VAL A 176 -12.30 5.00 -26.45
N ARG A 177 -11.51 6.07 -26.54
CA ARG A 177 -10.95 6.57 -27.79
C ARG A 177 -10.30 5.43 -28.61
N LYS A 178 -10.59 5.40 -29.91
CA LYS A 178 -10.06 4.36 -30.81
C LYS A 178 -8.54 4.41 -30.97
N GLU A 179 -7.87 3.32 -30.58
CA GLU A 179 -6.41 3.22 -30.70
C GLU A 179 -6.02 2.44 -31.95
N THR A 209 22.23 -16.80 -33.97
CA THR A 209 21.03 -17.64 -34.02
C THR A 209 21.21 -18.97 -33.27
N VAL A 210 22.03 -18.95 -32.21
CA VAL A 210 22.38 -20.16 -31.43
C VAL A 210 21.74 -20.12 -30.04
N SER A 211 21.11 -21.23 -29.66
CA SER A 211 20.41 -21.37 -28.37
C SER A 211 21.31 -21.19 -27.14
N LEU A 212 20.68 -20.96 -25.99
CA LEU A 212 21.38 -20.64 -24.74
C LEU A 212 21.91 -21.89 -24.01
N TRP A 213 21.10 -22.94 -23.94
CA TRP A 213 21.50 -24.18 -23.27
C TRP A 213 22.41 -25.02 -24.14
N ASP A 214 23.10 -24.34 -25.05
CA ASP A 214 24.10 -24.94 -25.91
C ASP A 214 25.43 -24.20 -25.77
N CYS A 215 25.46 -23.22 -24.87
CA CYS A 215 26.63 -22.38 -24.63
C CYS A 215 27.27 -22.72 -23.28
N ASP A 216 28.37 -23.47 -23.33
CA ASP A 216 29.05 -23.96 -22.12
C ASP A 216 30.19 -23.04 -21.65
N ARG A 217 30.38 -21.92 -22.35
CA ARG A 217 31.37 -20.94 -21.94
C ARG A 217 30.94 -20.20 -20.66
N LYS A 218 31.91 -19.83 -19.84
CA LYS A 218 31.66 -19.12 -18.59
C LYS A 218 31.27 -17.67 -18.88
N PHE A 219 30.36 -17.12 -18.06
CA PHE A 219 29.98 -15.71 -18.19
C PHE A 219 31.13 -14.80 -17.77
N ARG A 220 31.19 -13.63 -18.40
CA ARG A 220 32.20 -12.62 -18.10
C ARG A 220 31.72 -11.24 -18.55
N VAL A 221 32.12 -10.22 -17.80
CA VAL A 221 31.79 -8.85 -18.13
C VAL A 221 33.05 -8.01 -18.01
N LYS A 222 33.29 -7.18 -19.03
CA LYS A 222 34.41 -6.25 -19.04
C LYS A 222 34.05 -5.02 -18.21
N ILE A 223 34.90 -4.71 -17.24
CA ILE A 223 34.78 -3.47 -16.50
C ILE A 223 35.73 -2.49 -17.16
N ARG A 224 35.17 -1.53 -17.89
CA ARG A 224 36.00 -0.55 -18.59
C ARG A 224 36.43 0.52 -17.64
N GLY A 225 35.51 0.93 -16.77
CA GLY A 225 35.82 1.95 -15.79
C GLY A 225 34.61 2.70 -15.29
N ILE A 226 34.88 3.67 -14.43
CA ILE A 226 33.85 4.50 -13.83
C ILE A 226 34.17 5.97 -14.04
N ASP A 227 33.15 6.83 -14.00
CA ASP A 227 33.40 8.26 -14.12
C ASP A 227 32.44 9.11 -13.30
N ILE A 228 32.98 9.76 -12.26
CA ILE A 228 32.22 10.77 -11.52
C ILE A 228 32.60 12.16 -12.05
N PRO A 229 31.58 12.96 -12.42
CA PRO A 229 31.87 14.31 -12.89
C PRO A 229 32.60 15.17 -11.86
N VAL A 230 32.18 15.10 -10.59
CA VAL A 230 32.82 15.83 -9.49
C VAL A 230 32.93 14.96 -8.23
N LEU A 231 34.10 14.97 -7.60
CA LEU A 231 34.30 14.27 -6.31
C LEU A 231 33.91 15.18 -5.14
N ASP A 236 39.78 11.14 -0.34
CA ASP A 236 41.08 10.75 -0.90
C ASP A 236 41.41 9.29 -0.58
N LEU A 237 40.56 8.37 -1.04
CA LEU A 237 40.70 6.94 -0.74
C LEU A 237 40.91 6.07 -1.99
N THR A 238 40.55 4.79 -1.88
CA THR A 238 40.61 3.85 -3.01
C THR A 238 39.21 3.30 -3.33
N VAL A 239 39.05 2.75 -4.53
CA VAL A 239 37.75 2.29 -5.01
C VAL A 239 37.86 1.02 -5.86
N PHE A 240 36.92 0.09 -5.67
CA PHE A 240 36.78 -1.09 -6.52
C PHE A 240 35.33 -1.38 -6.91
N VAL A 241 35.16 -2.32 -7.84
CA VAL A 241 33.87 -2.63 -8.41
C VAL A 241 33.55 -4.09 -8.12
N GLU A 242 32.32 -4.33 -7.68
CA GLU A 242 31.86 -5.67 -7.35
C GLU A 242 30.69 -6.03 -8.26
N ALA A 243 30.88 -7.07 -9.07
CA ALA A 243 29.86 -7.50 -10.02
C ALA A 243 29.19 -8.77 -9.53
N ASN A 244 27.95 -8.64 -9.07
CA ASN A 244 27.19 -9.79 -8.58
C ASN A 244 26.18 -10.28 -9.60
N ILE A 245 26.14 -11.59 -9.80
CA ILE A 245 25.05 -12.19 -10.56
C ILE A 245 23.97 -12.53 -9.54
N GLN A 246 22.81 -11.87 -9.65
CA GLN A 246 21.76 -12.01 -8.64
C GLN A 246 20.46 -12.61 -9.15
N HIS A 247 19.90 -13.53 -8.37
CA HIS A 247 18.56 -14.00 -8.61
C HIS A 247 17.79 -13.81 -7.33
N GLY A 248 16.83 -12.89 -7.37
CA GLY A 248 16.14 -12.44 -6.16
C GLY A 248 17.10 -11.60 -5.32
N GLN A 249 17.08 -11.83 -4.02
CA GLN A 249 18.07 -11.24 -3.13
C GLN A 249 19.32 -12.15 -3.05
N GLN A 250 19.24 -13.31 -3.69
CA GLN A 250 20.28 -14.33 -3.66
C GLN A 250 21.38 -14.01 -4.67
N VAL A 251 22.63 -14.03 -4.20
CA VAL A 251 23.79 -13.79 -5.07
C VAL A 251 24.40 -15.11 -5.56
N LEU A 252 24.26 -15.38 -6.86
CA LEU A 252 24.75 -16.63 -7.44
C LEU A 252 26.27 -16.69 -7.54
N CYS A 253 26.87 -15.62 -8.04
CA CYS A 253 28.31 -15.55 -8.23
C CYS A 253 28.76 -14.11 -8.07
N GLN A 254 29.98 -13.93 -7.56
CA GLN A 254 30.53 -12.60 -7.28
C GLN A 254 32.02 -12.49 -7.64
N ARG A 255 32.38 -11.43 -8.34
CA ARG A 255 33.79 -11.12 -8.65
C ARG A 255 34.09 -9.64 -8.35
N ARG A 256 35.36 -9.33 -8.16
CA ARG A 256 35.82 -7.98 -7.87
C ARG A 256 36.94 -7.56 -8.81
N THR A 257 37.03 -6.25 -9.06
CA THR A 257 38.26 -5.66 -9.57
C THR A 257 39.22 -5.46 -8.40
N SER A 258 40.50 -5.35 -8.71
CA SER A 258 41.50 -4.93 -7.72
C SER A 258 41.24 -3.47 -7.35
N PRO A 259 41.61 -3.05 -6.13
CA PRO A 259 41.31 -1.66 -5.77
C PRO A 259 42.23 -0.67 -6.50
N LYS A 260 41.62 0.40 -7.01
CA LYS A 260 42.34 1.50 -7.68
C LYS A 260 42.13 2.82 -6.95
N PRO A 261 43.04 3.80 -7.14
CA PRO A 261 42.85 5.13 -6.55
C PRO A 261 41.57 5.80 -7.05
N PHE A 262 40.89 6.52 -6.17
CA PHE A 262 39.58 7.07 -6.50
C PHE A 262 39.68 8.50 -7.07
N THR A 263 40.05 8.56 -8.35
CA THR A 263 40.04 9.81 -9.11
C THR A 263 38.74 9.92 -9.89
N GLU A 264 38.42 11.13 -10.33
CA GLU A 264 37.20 11.44 -11.09
C GLU A 264 37.01 10.56 -12.33
N GLU A 265 38.03 9.78 -12.67
CA GLU A 265 37.93 8.75 -13.69
C GLU A 265 38.81 7.57 -13.30
N VAL A 266 38.25 6.36 -13.34
CA VAL A 266 39.04 5.16 -13.08
C VAL A 266 38.80 4.11 -14.16
N LEU A 267 39.89 3.68 -14.80
CA LEU A 267 39.84 2.65 -15.84
C LEU A 267 40.56 1.38 -15.38
N TRP A 268 39.94 0.23 -15.68
CA TRP A 268 40.46 -1.06 -15.31
C TRP A 268 40.79 -1.87 -16.51
N ASN A 269 39.88 -1.82 -17.48
CA ASN A 269 39.88 -2.68 -18.68
C ASN A 269 39.90 -4.20 -18.42
N VAL A 270 39.46 -4.64 -17.24
CA VAL A 270 39.55 -6.08 -16.87
C VAL A 270 38.30 -6.94 -17.15
N TRP A 271 38.56 -8.14 -17.67
CA TRP A 271 37.52 -9.17 -17.82
C TRP A 271 37.30 -9.86 -16.53
N LEU A 272 36.16 -9.57 -15.88
CA LEU A 272 35.73 -10.29 -14.69
C LEU A 272 35.10 -11.61 -15.11
N GLU A 273 35.86 -12.70 -14.96
CA GLU A 273 35.37 -14.02 -15.33
C GLU A 273 34.66 -14.71 -14.16
N PHE A 274 33.46 -15.20 -14.45
CA PHE A 274 32.62 -15.89 -13.47
C PHE A 274 32.68 -17.40 -13.62
N SER A 275 32.28 -18.10 -12.56
CA SER A 275 32.29 -19.57 -12.53
C SER A 275 30.98 -20.18 -13.04
N ILE A 276 29.90 -19.41 -12.97
CA ILE A 276 28.64 -19.77 -13.58
C ILE A 276 28.71 -19.76 -15.12
N LYS A 277 28.19 -20.82 -15.75
CA LYS A 277 28.06 -20.88 -17.21
C LYS A 277 26.93 -19.98 -17.75
N ILE A 278 26.99 -19.65 -19.04
CA ILE A 278 25.93 -18.87 -19.69
C ILE A 278 24.59 -19.59 -19.69
N LYS A 279 24.63 -20.90 -19.97
CA LYS A 279 23.43 -21.74 -19.98
C LYS A 279 22.77 -21.83 -18.59
N ASP A 280 23.59 -21.69 -17.55
CA ASP A 280 23.13 -21.69 -16.17
C ASP A 280 22.50 -20.36 -15.71
N LEU A 281 22.51 -19.34 -16.57
CA LEU A 281 21.80 -18.10 -16.26
C LEU A 281 20.29 -18.30 -16.40
N PRO A 282 19.54 -17.95 -15.32
CA PRO A 282 18.09 -18.05 -15.32
C PRO A 282 17.48 -16.72 -15.69
N LYS A 283 16.32 -16.76 -16.35
CA LYS A 283 15.67 -15.52 -16.77
C LYS A 283 15.33 -14.74 -15.52
N GLY A 284 15.63 -13.45 -15.55
CA GLY A 284 15.43 -12.61 -14.39
C GLY A 284 16.71 -12.44 -13.61
N ALA A 285 17.83 -12.92 -14.15
CA ALA A 285 19.13 -12.73 -13.51
C ALA A 285 19.57 -11.28 -13.66
N LEU A 286 20.13 -10.74 -12.58
CA LEU A 286 20.59 -9.36 -12.52
C LEU A 286 22.10 -9.28 -12.43
N LEU A 287 22.73 -8.64 -13.42
CA LEU A 287 24.08 -8.15 -13.26
C LEU A 287 23.98 -6.93 -12.35
N ASN A 288 24.47 -7.08 -11.13
CA ASN A 288 24.43 -6.03 -10.14
C ASN A 288 25.84 -5.52 -9.95
N LEU A 289 26.09 -4.33 -10.50
CA LEU A 289 27.41 -3.72 -10.43
C LEU A 289 27.40 -2.73 -9.26
N GLN A 290 28.40 -2.85 -8.41
CA GLN A 290 28.49 -2.05 -7.20
C GLN A 290 29.87 -1.42 -6.99
N ILE A 291 29.88 -0.26 -6.33
CA ILE A 291 31.11 0.48 -6.09
C ILE A 291 31.33 0.71 -4.60
N TYR A 292 32.46 0.20 -4.11
CA TYR A 292 32.88 0.37 -2.73
C TYR A 292 34.14 1.19 -2.70
N CYS A 293 34.42 1.78 -1.54
CA CYS A 293 35.64 2.55 -1.33
C CYS A 293 36.38 2.12 -0.05
N GLY A 294 37.65 2.52 0.07
CA GLY A 294 38.49 2.24 1.23
C GLY A 294 39.81 2.97 1.13
N LYS A 315 38.44 -1.21 6.30
CA LYS A 315 37.17 -1.79 5.89
C LYS A 315 36.52 -1.00 4.75
N VAL A 316 35.41 -1.51 4.21
CA VAL A 316 34.80 -0.94 3.00
C VAL A 316 33.46 -0.23 3.24
N GLN A 317 32.94 0.42 2.19
CA GLN A 317 31.61 1.03 2.21
C GLN A 317 31.01 1.10 0.81
N LEU A 318 29.76 0.65 0.67
CA LEU A 318 29.03 0.70 -0.60
C LEU A 318 28.57 2.13 -0.93
N LEU A 319 28.89 2.60 -2.14
CA LEU A 319 28.64 3.99 -2.52
C LEU A 319 27.71 4.18 -3.71
N TYR A 320 27.78 3.28 -4.68
CA TYR A 320 26.92 3.34 -5.85
C TYR A 320 26.52 1.94 -6.26
N TYR A 321 25.29 1.80 -6.72
CA TYR A 321 24.83 0.52 -7.20
C TYR A 321 24.10 0.75 -8.51
N VAL A 322 24.00 -0.31 -9.31
CA VAL A 322 23.31 -0.26 -10.59
C VAL A 322 23.06 -1.67 -11.10
N ASN A 323 22.04 -1.82 -11.92
CA ASN A 323 21.59 -3.12 -12.35
C ASN A 323 21.35 -3.22 -13.83
N LEU A 324 21.45 -4.44 -14.34
CA LEU A 324 21.25 -4.72 -15.74
C LEU A 324 20.81 -6.16 -15.81
N LEU A 325 19.66 -6.39 -16.45
CA LEU A 325 19.17 -7.74 -16.66
C LEU A 325 20.08 -8.45 -17.68
N LEU A 326 20.53 -9.64 -17.33
CA LEU A 326 21.40 -10.39 -18.23
C LEU A 326 20.59 -11.01 -19.36
N ILE A 327 19.44 -11.59 -19.04
CA ILE A 327 18.53 -12.09 -20.07
C ILE A 327 17.38 -11.10 -20.25
N ASP A 328 17.32 -10.47 -21.42
CA ASP A 328 16.42 -9.34 -21.65
C ASP A 328 14.99 -9.76 -21.99
N HIS A 329 14.13 -8.77 -22.19
CA HIS A 329 12.68 -8.95 -22.31
C HIS A 329 12.23 -9.77 -23.49
N ARG A 330 13.15 -10.09 -24.38
CA ARG A 330 12.85 -10.99 -25.50
C ARG A 330 13.62 -12.31 -25.38
N PHE A 331 13.86 -12.73 -24.14
CA PHE A 331 14.64 -13.94 -23.81
C PHE A 331 16.07 -13.97 -24.40
N LEU A 332 16.57 -12.82 -24.83
CA LEU A 332 17.91 -12.74 -25.44
C LEU A 332 18.98 -12.38 -24.40
N LEU A 333 20.12 -13.04 -24.49
CA LEU A 333 21.25 -12.74 -23.59
C LEU A 333 21.86 -11.39 -23.94
N ARG A 334 22.00 -10.54 -22.92
CA ARG A 334 22.42 -9.15 -23.07
C ARG A 334 23.84 -9.04 -23.59
N ARG A 335 24.05 -8.14 -24.53
CA ARG A 335 25.33 -8.04 -25.27
C ARG A 335 25.70 -6.59 -25.56
N GLY A 336 27.01 -6.34 -25.69
CA GLY A 336 27.50 -5.05 -26.16
C GLY A 336 27.90 -4.02 -25.10
N GLU A 337 28.14 -2.81 -25.58
CA GLU A 337 28.63 -1.70 -24.76
C GLU A 337 27.50 -1.06 -23.97
N TYR A 338 27.73 -0.83 -22.68
CA TYR A 338 26.75 -0.16 -21.84
C TYR A 338 27.40 0.95 -21.01
N VAL A 339 26.75 2.12 -21.01
CA VAL A 339 27.17 3.22 -20.14
C VAL A 339 26.02 3.59 -19.21
N LEU A 340 26.02 2.96 -18.03
CA LEU A 340 24.91 3.05 -17.06
C LEU A 340 25.20 4.02 -15.94
N HIS A 341 24.27 4.95 -15.71
CA HIS A 341 24.35 5.85 -14.56
C HIS A 341 23.78 5.27 -13.29
N MET A 342 24.51 5.47 -12.20
CA MET A 342 24.27 4.76 -10.95
C MET A 342 23.65 5.62 -9.84
N TRP A 343 22.98 4.93 -8.92
CA TRP A 343 22.35 5.57 -7.78
C TRP A 343 23.29 5.62 -6.62
N GLN A 344 23.14 6.65 -5.81
CA GLN A 344 23.94 6.85 -4.60
C GLN A 344 23.35 6.08 -3.41
N ILE A 345 23.80 6.40 -2.21
CA ILE A 345 23.32 5.76 -0.99
C ILE A 345 23.01 6.81 0.10
N SER A 346 21.75 6.84 0.54
CA SER A 346 21.30 7.66 1.67
C SER A 346 20.07 7.03 2.34
N SER A 354 19.97 -2.34 2.92
CA SER A 354 20.20 -3.74 2.60
C SER A 354 18.98 -4.31 1.88
N PHE A 355 17.94 -4.65 2.64
CA PHE A 355 16.64 -4.92 2.05
C PHE A 355 15.97 -3.57 1.79
N ASN A 356 15.74 -3.29 0.51
CA ASN A 356 15.26 -2.01 0.03
C ASN A 356 14.92 -2.19 -1.46
N ALA A 357 13.66 -1.98 -1.80
CA ALA A 357 13.15 -2.22 -3.15
C ALA A 357 13.94 -1.48 -4.23
N ASP A 358 14.33 -0.24 -3.92
CA ASP A 358 15.07 0.57 -4.87
C ASP A 358 16.43 -0.06 -5.27
N LYS A 359 16.94 -0.97 -4.43
CA LYS A 359 18.22 -1.62 -4.71
C LYS A 359 18.11 -2.64 -5.83
N LEU A 360 16.89 -2.97 -6.22
CA LEU A 360 16.67 -4.04 -7.18
C LEU A 360 16.30 -3.53 -8.58
N THR A 361 16.29 -2.22 -8.76
CA THR A 361 15.69 -1.63 -9.96
C THR A 361 16.51 -1.85 -11.20
N SER A 362 15.83 -2.10 -12.31
CA SER A 362 16.49 -2.17 -13.64
C SER A 362 16.59 -0.76 -14.21
N ALA A 363 16.16 0.22 -13.45
CA ALA A 363 16.21 1.60 -13.93
C ALA A 363 17.60 2.18 -13.69
N THR A 364 18.05 3.03 -14.62
CA THR A 364 19.28 3.80 -14.46
C THR A 364 18.95 5.20 -13.94
N ASN A 365 19.89 5.75 -13.17
CA ASN A 365 19.84 7.12 -12.67
C ASN A 365 19.70 8.12 -13.82
N PRO A 366 18.60 8.89 -13.84
CA PRO A 366 18.38 9.90 -14.88
C PRO A 366 19.27 11.16 -14.77
N ASP A 367 19.87 11.39 -13.60
CA ASP A 367 20.75 12.54 -13.39
C ASP A 367 22.14 12.31 -14.00
N LYS A 368 22.24 12.59 -15.30
CA LYS A 368 23.49 12.39 -16.05
C LYS A 368 24.66 13.25 -15.57
N GLU A 369 24.37 14.52 -15.24
CA GLU A 369 25.42 15.49 -14.87
C GLU A 369 26.04 15.27 -13.50
N ASN A 370 25.24 14.87 -12.51
CA ASN A 370 25.74 14.74 -11.13
C ASN A 370 26.23 13.35 -10.74
N SER A 371 25.66 12.32 -11.36
CA SER A 371 25.83 10.93 -10.91
C SER A 371 27.01 10.17 -11.53
N MET A 372 27.46 9.17 -10.77
CA MET A 372 28.53 8.24 -11.19
C MET A 372 28.01 7.28 -12.25
N SER A 373 28.88 6.93 -13.19
CA SER A 373 28.54 5.94 -14.20
C SER A 373 29.62 4.89 -14.39
N ILE A 374 29.20 3.67 -14.71
CA ILE A 374 30.12 2.58 -14.99
C ILE A 374 30.03 2.18 -16.47
N SER A 375 31.15 1.80 -17.06
CA SER A 375 31.17 1.39 -18.47
C SER A 375 31.59 -0.06 -18.59
N ILE A 376 30.80 -0.83 -19.34
CA ILE A 376 30.99 -2.27 -19.42
C ILE A 376 30.88 -2.85 -20.83
N LEU A 377 31.31 -4.10 -20.99
CA LEU A 377 31.18 -4.81 -22.25
C LEU A 377 30.81 -6.28 -22.08
N LEU A 378 29.72 -6.65 -22.76
CA LEU A 378 29.24 -8.03 -22.85
C LEU A 378 29.35 -8.52 -24.30
N ASP A 379 30.06 -9.63 -24.52
CA ASP A 379 30.12 -10.25 -25.85
C ASP A 379 30.45 -11.75 -25.82
N ASN A 380 30.05 -12.45 -26.89
CA ASN A 380 30.31 -13.89 -27.02
C ASN A 380 30.89 -14.24 -28.39
N PRO A 384 22.37 -14.05 -32.45
CA PRO A 384 22.45 -13.87 -31.01
C PRO A 384 22.19 -15.17 -30.23
N ILE A 385 22.12 -15.07 -28.90
CA ILE A 385 21.91 -16.23 -28.04
C ILE A 385 20.62 -16.06 -27.21
N ALA A 386 19.70 -17.00 -27.39
CA ALA A 386 18.35 -16.91 -26.80
C ALA A 386 18.03 -18.08 -25.88
N LEU A 387 17.33 -17.78 -24.80
CA LEU A 387 16.85 -18.77 -23.84
C LEU A 387 15.52 -19.40 -24.32
N PRO A 388 15.41 -20.73 -24.25
CA PRO A 388 14.21 -21.42 -24.73
C PRO A 388 13.14 -21.71 -23.66
N LYS A 389 12.05 -22.37 -24.07
CA LYS A 389 11.04 -22.91 -23.16
C LYS A 389 10.99 -24.43 -23.25
N HIS A 390 10.44 -25.06 -22.21
CA HIS A 390 10.40 -26.52 -22.09
C HIS A 390 9.25 -27.14 -22.84
N GLN A 391 9.00 -28.41 -22.55
CA GLN A 391 7.85 -29.17 -23.05
C GLN A 391 6.51 -28.51 -22.71
N VAL A 401 9.69 -38.73 -9.29
CA VAL A 401 8.46 -38.48 -8.52
C VAL A 401 8.39 -39.42 -7.31
N ARG A 402 8.19 -38.84 -6.13
CA ARG A 402 8.26 -39.57 -4.85
C ARG A 402 7.14 -39.15 -3.88
N ALA A 403 6.89 -39.99 -2.86
CA ALA A 403 5.92 -39.69 -1.78
C ALA A 403 5.86 -40.74 -0.64
N GLU A 404 6.98 -41.38 -0.34
CA GLU A 404 7.03 -42.41 0.73
C GLU A 404 8.26 -42.25 1.62
N MET A 405 8.11 -41.54 2.74
CA MET A 405 9.27 -41.15 3.55
C MET A 405 9.21 -41.60 5.02
N PRO A 406 10.38 -41.67 5.70
CA PRO A 406 10.48 -42.07 7.12
C PRO A 406 9.70 -41.13 8.02
N ASN A 407 9.47 -41.55 9.26
CA ASN A 407 8.69 -40.74 10.18
C ASN A 407 9.44 -39.50 10.65
N GLN A 408 10.63 -39.70 11.24
CA GLN A 408 11.47 -38.61 11.72
C GLN A 408 11.63 -37.53 10.65
N LEU A 409 11.74 -37.99 9.40
CA LEU A 409 11.93 -37.09 8.26
C LEU A 409 10.67 -36.27 7.91
N ARG A 410 9.55 -36.95 7.69
CA ARG A 410 8.27 -36.31 7.39
C ARG A 410 7.94 -35.22 8.40
N LYS A 411 8.17 -35.51 9.67
CA LYS A 411 7.95 -34.54 10.73
C LYS A 411 8.86 -33.33 10.58
N GLN A 412 10.15 -33.56 10.34
CA GLN A 412 11.11 -32.48 10.17
C GLN A 412 10.70 -31.58 9.00
N LEU A 413 10.21 -32.19 7.94
CA LEU A 413 9.68 -31.44 6.81
C LEU A 413 8.48 -30.58 7.24
N GLU A 414 7.51 -31.21 7.91
CA GLU A 414 6.32 -30.55 8.40
C GLU A 414 6.59 -29.45 9.43
N ALA A 415 7.70 -29.60 10.16
CA ALA A 415 8.18 -28.58 11.09
C ALA A 415 8.72 -27.35 10.34
N ILE A 416 9.31 -27.60 9.17
CA ILE A 416 9.84 -26.54 8.31
C ILE A 416 8.71 -25.81 7.60
N ILE A 417 7.81 -26.56 6.96
CA ILE A 417 6.61 -25.99 6.33
C ILE A 417 5.86 -25.10 7.32
N ALA A 418 5.87 -25.51 8.59
CA ALA A 418 5.12 -24.84 9.63
C ALA A 418 5.70 -23.49 10.08
N THR A 419 7.03 -23.34 10.06
CA THR A 419 7.68 -22.09 10.52
C THR A 419 7.21 -20.85 9.74
N ASP A 420 7.48 -19.68 10.30
CA ASP A 420 7.00 -18.40 9.74
C ASP A 420 7.78 -18.01 8.48
N PRO A 421 7.22 -17.08 7.68
CA PRO A 421 7.87 -16.59 6.45
C PRO A 421 9.24 -15.98 6.69
N LEU A 422 9.50 -15.51 7.90
CA LEU A 422 10.76 -14.83 8.22
C LEU A 422 11.80 -15.75 8.80
N ASN A 423 11.55 -17.05 8.75
CA ASN A 423 12.50 -17.98 9.33
C ASN A 423 13.53 -18.43 8.31
N PRO A 424 14.82 -18.24 8.64
CA PRO A 424 15.94 -18.68 7.79
C PRO A 424 15.93 -20.18 7.56
N LEU A 425 15.99 -20.59 6.30
CA LEU A 425 16.18 -22.00 5.95
C LEU A 425 17.66 -22.28 5.82
N THR A 426 18.15 -23.20 6.62
CA THR A 426 19.52 -23.66 6.53
C THR A 426 19.68 -24.51 5.26
N ALA A 427 20.94 -24.80 4.90
CA ALA A 427 21.25 -25.72 3.81
C ALA A 427 20.53 -27.06 3.97
N GLU A 428 20.52 -27.59 5.19
CA GLU A 428 19.85 -28.85 5.49
C GLU A 428 18.36 -28.74 5.16
N ASP A 429 17.72 -27.66 5.62
CA ASP A 429 16.29 -27.41 5.36
C ASP A 429 16.01 -27.48 3.86
N LYS A 430 16.76 -26.67 3.11
CA LYS A 430 16.65 -26.56 1.66
C LYS A 430 16.84 -27.88 0.90
N GLU A 431 17.89 -28.62 1.24
CA GLU A 431 18.17 -29.92 0.64
C GLU A 431 17.08 -30.93 0.93
N LEU A 432 16.49 -30.84 2.12
CA LEU A 432 15.37 -31.68 2.51
C LEU A 432 14.11 -31.36 1.70
N LEU A 433 13.75 -30.08 1.63
CA LEU A 433 12.60 -29.64 0.85
C LEU A 433 12.75 -30.02 -0.62
N TRP A 434 13.95 -29.85 -1.14
CA TRP A 434 14.21 -30.15 -2.54
C TRP A 434 14.10 -31.63 -2.86
N HIS A 435 14.71 -32.45 -2.03
CA HIS A 435 14.64 -33.88 -2.28
C HIS A 435 13.22 -34.38 -2.22
N PHE A 436 12.46 -33.85 -1.27
CA PHE A 436 11.06 -34.23 -1.10
C PHE A 436 10.14 -33.18 -1.69
N ARG A 437 10.68 -32.56 -2.75
CA ARG A 437 9.97 -31.86 -3.80
C ARG A 437 8.48 -32.17 -3.88
N TYR A 438 8.14 -33.43 -4.09
CA TYR A 438 6.79 -33.81 -4.46
C TYR A 438 5.83 -33.94 -3.30
N GLU A 439 6.36 -34.36 -2.16
CA GLU A 439 5.63 -34.34 -0.92
C GLU A 439 5.34 -32.90 -0.53
N SER A 440 6.34 -32.05 -0.73
CA SER A 440 6.24 -30.62 -0.40
C SER A 440 5.21 -29.93 -1.28
N LEU A 441 5.06 -30.41 -2.51
CA LEU A 441 4.13 -29.81 -3.46
C LEU A 441 2.67 -30.00 -3.02
N LYS A 442 2.42 -31.05 -2.25
CA LYS A 442 1.08 -31.31 -1.70
C LYS A 442 0.65 -30.30 -0.64
N HIS A 443 1.57 -29.43 -0.22
CA HIS A 443 1.31 -28.44 0.80
C HIS A 443 1.45 -27.05 0.24
N PRO A 444 0.33 -26.38 -0.06
CA PRO A 444 0.45 -25.00 -0.53
C PRO A 444 1.36 -24.14 0.34
N LYS A 445 1.38 -24.39 1.66
CA LYS A 445 2.19 -23.59 2.58
C LYS A 445 3.69 -23.80 2.45
N ALA A 446 4.09 -24.84 1.72
CA ALA A 446 5.50 -25.12 1.51
C ALA A 446 6.06 -24.27 0.37
N TYR A 447 5.18 -23.84 -0.52
CA TYR A 447 5.61 -23.20 -1.76
C TYR A 447 6.69 -22.11 -1.61
N PRO A 448 6.46 -21.08 -0.76
CA PRO A 448 7.56 -20.11 -0.56
C PRO A 448 8.87 -20.77 -0.18
N LYS A 449 8.82 -21.66 0.80
CA LYS A 449 10.03 -22.30 1.33
C LYS A 449 10.63 -23.24 0.30
N LEU A 450 9.76 -23.84 -0.50
CA LEU A 450 10.20 -24.82 -1.50
C LEU A 450 10.96 -24.16 -2.63
N PHE A 451 10.37 -23.10 -3.18
CA PHE A 451 11.00 -22.38 -4.27
C PHE A 451 12.10 -21.46 -3.80
N SER A 452 12.29 -21.43 -2.48
CA SER A 452 13.48 -20.86 -1.87
C SER A 452 14.57 -21.90 -1.71
N SER A 453 14.32 -23.13 -2.15
CA SER A 453 15.31 -24.21 -2.06
C SER A 453 15.90 -24.53 -3.41
N VAL A 454 15.36 -23.89 -4.45
CA VAL A 454 15.85 -24.10 -5.78
C VAL A 454 17.22 -23.44 -5.93
N LYS A 455 18.15 -24.20 -6.48
CA LYS A 455 19.42 -23.65 -6.88
C LYS A 455 19.19 -23.12 -8.27
N TRP A 456 18.92 -21.82 -8.35
CA TRP A 456 18.57 -21.16 -9.62
C TRP A 456 19.74 -20.99 -10.56
N GLY A 457 20.96 -21.21 -10.05
CA GLY A 457 22.16 -21.16 -10.88
C GLY A 457 22.42 -22.43 -11.67
N GLN A 458 21.49 -23.39 -11.63
CA GLN A 458 21.60 -24.64 -12.39
C GLN A 458 20.44 -24.89 -13.35
N GLN A 459 20.74 -24.87 -14.65
CA GLN A 459 19.72 -25.03 -15.68
C GLN A 459 18.84 -26.26 -15.44
N GLU A 460 19.46 -27.41 -15.20
CA GLU A 460 18.72 -28.65 -14.99
C GLU A 460 17.79 -28.62 -13.77
N ILE A 461 18.24 -27.96 -12.70
CA ILE A 461 17.43 -27.80 -11.49
C ILE A 461 16.20 -26.95 -11.80
N VAL A 462 16.42 -25.80 -12.43
CA VAL A 462 15.32 -24.92 -12.82
C VAL A 462 14.33 -25.71 -13.69
N ALA A 463 14.86 -26.60 -14.51
CA ALA A 463 14.04 -27.43 -15.37
C ALA A 463 13.14 -28.33 -14.53
N LYS A 464 13.73 -29.00 -13.55
CA LYS A 464 12.99 -29.84 -12.63
C LYS A 464 11.94 -29.02 -11.88
N THR A 465 12.28 -27.77 -11.58
CA THR A 465 11.36 -26.83 -10.93
C THR A 465 10.17 -26.52 -11.85
N TYR A 466 10.45 -26.35 -13.14
CA TYR A 466 9.39 -26.06 -14.10
C TYR A 466 8.52 -27.30 -14.34
N GLN A 467 9.16 -28.48 -14.35
CA GLN A 467 8.43 -29.76 -14.35
C GLN A 467 7.44 -29.79 -13.19
N LEU A 468 7.96 -29.50 -12.00
CA LEU A 468 7.20 -29.47 -10.76
C LEU A 468 6.00 -28.53 -10.82
N LEU A 469 6.19 -27.35 -11.42
CA LEU A 469 5.10 -26.36 -11.53
C LEU A 469 3.98 -26.75 -12.50
N ALA A 470 4.28 -27.66 -13.43
CA ALA A 470 3.26 -28.15 -14.38
C ALA A 470 2.38 -29.25 -13.76
N ARG A 471 2.54 -29.45 -12.46
CA ARG A 471 1.89 -30.51 -11.71
C ARG A 471 1.19 -29.93 -10.47
N ARG A 472 0.63 -28.73 -10.60
CA ARG A 472 0.10 -28.03 -9.42
C ARG A 472 -1.43 -28.08 -9.26
N GLU A 473 -2.00 -29.27 -9.46
CA GLU A 473 -3.40 -29.53 -9.11
C GLU A 473 -3.72 -29.02 -7.70
N VAL A 474 -2.94 -29.47 -6.71
CA VAL A 474 -3.19 -29.17 -5.28
C VAL A 474 -3.22 -27.67 -5.02
N TRP A 475 -2.22 -26.98 -5.57
CA TRP A 475 -2.15 -25.52 -5.54
C TRP A 475 -3.36 -24.93 -6.22
N ASP A 476 -3.60 -25.35 -7.47
CA ASP A 476 -4.74 -24.85 -8.27
C ASP A 476 -6.08 -25.03 -7.58
N GLN A 477 -6.19 -26.07 -6.76
CA GLN A 477 -7.42 -26.38 -6.04
C GLN A 477 -7.55 -25.70 -4.67
N SER A 478 -6.41 -25.36 -4.07
CA SER A 478 -6.37 -24.76 -2.72
C SER A 478 -7.16 -23.45 -2.67
N ALA A 479 -7.84 -23.20 -1.57
CA ALA A 479 -8.57 -21.94 -1.40
C ALA A 479 -7.55 -20.84 -1.29
N LEU A 480 -7.89 -19.69 -1.86
CA LEU A 480 -6.99 -18.54 -1.91
C LEU A 480 -6.41 -18.22 -0.54
N ASP A 481 -5.09 -18.13 -0.45
CA ASP A 481 -4.45 -17.58 0.74
C ASP A 481 -3.56 -16.40 0.35
N VAL A 482 -3.99 -15.19 0.71
CA VAL A 482 -3.30 -13.97 0.33
C VAL A 482 -1.94 -13.86 1.00
N GLY A 483 -1.85 -14.26 2.26
CA GLY A 483 -0.59 -14.26 2.98
C GLY A 483 0.44 -15.13 2.26
N LEU A 484 -0.05 -16.26 1.75
CA LEU A 484 0.77 -17.16 0.96
C LEU A 484 1.08 -16.56 -0.40
N THR A 485 0.06 -16.04 -1.07
CA THR A 485 0.19 -15.40 -2.37
C THR A 485 1.16 -14.20 -2.35
N MET A 486 1.05 -13.35 -1.34
CA MET A 486 2.00 -12.25 -1.16
C MET A 486 3.45 -12.72 -1.06
N GLN A 487 3.72 -13.75 -0.26
CA GLN A 487 5.10 -14.20 -0.03
C GLN A 487 5.79 -14.51 -1.33
N LEU A 488 5.04 -15.00 -2.31
CA LEU A 488 5.58 -15.36 -3.61
C LEU A 488 5.78 -14.17 -4.55
N LEU A 489 5.26 -13.01 -4.18
CA LEU A 489 5.40 -11.80 -5.00
C LEU A 489 6.48 -10.86 -4.47
N ASP A 490 7.03 -11.17 -3.30
CA ASP A 490 8.02 -10.33 -2.62
C ASP A 490 9.39 -10.44 -3.27
N CYS A 491 10.40 -9.82 -2.64
CA CYS A 491 11.75 -9.69 -3.18
C CYS A 491 12.56 -11.00 -3.31
N ASN A 492 12.12 -12.08 -2.68
CA ASN A 492 12.84 -13.35 -2.72
C ASN A 492 12.48 -14.24 -3.91
N PHE A 493 11.66 -13.72 -4.83
CA PHE A 493 11.23 -14.51 -5.98
C PHE A 493 11.33 -13.76 -7.30
N SER A 494 12.35 -14.11 -8.07
CA SER A 494 12.68 -13.45 -9.34
C SER A 494 12.23 -14.28 -10.53
N ASP A 495 11.34 -15.23 -10.31
CA ASP A 495 11.01 -16.17 -11.36
C ASP A 495 9.58 -16.00 -11.88
N GLU A 496 9.48 -15.55 -13.13
CA GLU A 496 8.21 -15.34 -13.82
C GLU A 496 7.13 -16.39 -13.54
N ASN A 497 7.52 -17.66 -13.58
CA ASN A 497 6.58 -18.76 -13.40
C ASN A 497 6.15 -18.97 -11.97
N VAL A 498 7.08 -18.82 -11.03
CA VAL A 498 6.70 -18.84 -9.63
C VAL A 498 5.73 -17.69 -9.33
N ARG A 499 6.04 -16.52 -9.87
CA ARG A 499 5.26 -15.32 -9.60
C ARG A 499 3.89 -15.40 -10.24
N ALA A 500 3.85 -16.03 -11.42
CA ALA A 500 2.62 -16.24 -12.18
C ALA A 500 1.61 -17.02 -11.36
N ILE A 501 2.07 -18.07 -10.69
CA ILE A 501 1.17 -18.89 -9.88
C ILE A 501 0.57 -18.10 -8.71
N ALA A 502 1.29 -17.07 -8.25
CA ALA A 502 0.72 -16.23 -7.20
C ALA A 502 -0.35 -15.35 -7.82
N VAL A 503 -0.04 -14.75 -8.95
CA VAL A 503 -0.98 -13.86 -9.61
C VAL A 503 -2.19 -14.67 -10.05
N GLN A 504 -1.98 -15.96 -10.26
CA GLN A 504 -3.07 -16.87 -10.62
C GLN A 504 -4.12 -16.91 -9.52
N LYS A 505 -3.65 -16.88 -8.28
CA LYS A 505 -4.55 -16.99 -7.14
C LYS A 505 -5.28 -15.70 -6.87
N LEU A 506 -4.62 -14.57 -7.11
CA LEU A 506 -5.22 -13.26 -6.99
C LEU A 506 -6.38 -13.10 -7.94
N GLU A 507 -6.32 -13.79 -9.08
CA GLU A 507 -7.40 -13.75 -10.07
C GLU A 507 -8.77 -13.89 -9.44
N SER A 508 -8.87 -14.67 -8.36
CA SER A 508 -10.17 -15.04 -7.81
C SER A 508 -10.69 -14.07 -6.75
N LEU A 509 -9.86 -13.12 -6.33
CA LEU A 509 -10.28 -12.07 -5.41
C LEU A 509 -11.47 -11.32 -5.99
N GLU A 510 -12.52 -11.16 -5.18
CA GLU A 510 -13.60 -10.26 -5.57
C GLU A 510 -13.11 -8.82 -5.44
N ASP A 511 -13.65 -7.92 -6.25
CA ASP A 511 -13.15 -6.54 -6.31
C ASP A 511 -12.95 -5.87 -4.95
N ASP A 512 -13.71 -6.30 -3.94
CA ASP A 512 -13.55 -5.75 -2.60
C ASP A 512 -12.15 -6.00 -2.05
N ASP A 513 -11.68 -7.23 -2.20
CA ASP A 513 -10.38 -7.62 -1.67
C ASP A 513 -9.23 -7.01 -2.46
N VAL A 514 -9.47 -6.71 -3.73
CA VAL A 514 -8.45 -6.07 -4.53
C VAL A 514 -8.20 -4.67 -3.95
N LEU A 515 -9.27 -3.98 -3.61
CA LEU A 515 -9.15 -2.69 -2.91
C LEU A 515 -8.37 -2.83 -1.60
N HIS A 516 -8.65 -3.88 -0.83
CA HIS A 516 -7.96 -4.12 0.43
C HIS A 516 -6.48 -4.32 0.27
N TYR A 517 -6.05 -4.87 -0.88
CA TYR A 517 -4.65 -5.20 -1.10
C TYR A 517 -3.96 -4.37 -2.18
N LEU A 518 -4.74 -3.54 -2.88
CA LEU A 518 -4.26 -2.80 -4.03
C LEU A 518 -2.92 -2.13 -3.77
N LEU A 519 -2.85 -1.30 -2.72
CA LEU A 519 -1.64 -0.54 -2.42
C LEU A 519 -0.41 -1.44 -2.35
N GLN A 520 -0.47 -2.42 -1.47
CA GLN A 520 0.58 -3.41 -1.35
C GLN A 520 0.89 -4.15 -2.66
N LEU A 521 -0.13 -4.49 -3.44
CA LEU A 521 0.09 -5.12 -4.75
C LEU A 521 0.84 -4.16 -5.69
N VAL A 522 0.35 -2.93 -5.81
CA VAL A 522 1.04 -1.89 -6.55
C VAL A 522 2.50 -1.82 -6.10
N GLN A 523 2.76 -1.68 -4.81
CA GLN A 523 4.15 -1.66 -4.35
C GLN A 523 4.93 -2.93 -4.74
N ALA A 524 4.26 -4.07 -4.81
CA ALA A 524 4.95 -5.35 -5.13
C ALA A 524 5.42 -5.40 -6.56
N VAL A 525 4.99 -4.43 -7.38
CA VAL A 525 5.47 -4.32 -8.76
C VAL A 525 6.96 -4.05 -8.75
N LYS A 526 7.40 -3.39 -7.69
CA LYS A 526 8.81 -3.05 -7.49
C LYS A 526 9.74 -4.26 -7.43
N PHE A 527 9.18 -5.44 -7.13
CA PHE A 527 9.99 -6.66 -7.03
C PHE A 527 9.97 -7.46 -8.32
N GLU A 528 9.13 -7.05 -9.25
CA GLU A 528 9.02 -7.73 -10.52
C GLU A 528 10.28 -7.48 -11.35
N PRO A 529 10.93 -8.56 -11.83
CA PRO A 529 12.17 -8.36 -12.61
C PRO A 529 11.97 -7.61 -13.93
N TYR A 530 10.78 -7.71 -14.53
CA TYR A 530 10.51 -7.06 -15.82
C TYR A 530 9.37 -6.05 -15.73
N HIS A 531 9.30 -5.14 -16.69
CA HIS A 531 8.23 -4.12 -16.70
C HIS A 531 6.89 -4.72 -17.07
N ASP A 532 6.91 -5.67 -17.99
CA ASP A 532 5.73 -6.46 -18.32
C ASP A 532 5.73 -7.71 -17.46
N SER A 533 4.63 -7.94 -16.75
CA SER A 533 4.50 -9.09 -15.88
C SER A 533 3.02 -9.35 -15.60
N ALA A 534 2.71 -10.59 -15.22
CA ALA A 534 1.38 -10.97 -14.76
C ALA A 534 0.80 -10.03 -13.67
N LEU A 535 1.64 -9.57 -12.75
CA LEU A 535 1.16 -8.68 -11.71
C LEU A 535 0.74 -7.31 -12.24
N ALA A 536 1.56 -6.75 -13.13
CA ALA A 536 1.25 -5.47 -13.73
C ALA A 536 -0.03 -5.55 -14.59
N ARG A 537 -0.17 -6.63 -15.36
CA ARG A 537 -1.37 -6.85 -16.17
C ARG A 537 -2.61 -7.10 -15.33
N PHE A 538 -2.44 -7.83 -14.22
CA PHE A 538 -3.54 -8.09 -13.30
C PHE A 538 -4.10 -6.80 -12.71
N LEU A 539 -3.21 -5.89 -12.32
CA LEU A 539 -3.60 -4.59 -11.83
C LEU A 539 -4.19 -3.75 -12.94
N LEU A 540 -3.68 -3.97 -14.14
CA LEU A 540 -4.18 -3.29 -15.33
C LEU A 540 -5.61 -3.64 -15.60
N LYS A 541 -5.94 -4.93 -15.51
CA LYS A 541 -7.26 -5.34 -15.96
C LYS A 541 -8.32 -5.20 -14.87
N ARG A 542 -7.94 -5.49 -13.63
CA ARG A 542 -8.81 -5.25 -12.47
C ARG A 542 -9.11 -3.77 -12.32
N GLY A 543 -8.13 -2.93 -12.62
CA GLY A 543 -8.31 -1.49 -12.61
C GLY A 543 -9.30 -1.04 -13.66
N LEU A 544 -9.22 -1.67 -14.83
CA LEU A 544 -10.06 -1.32 -15.97
C LEU A 544 -11.49 -1.85 -15.84
N ARG A 545 -11.65 -2.88 -15.02
CA ARG A 545 -12.93 -3.56 -14.87
C ARG A 545 -13.78 -2.86 -13.82
N ASN A 546 -13.17 -1.97 -13.05
CA ASN A 546 -13.80 -1.33 -11.89
C ASN A 546 -13.33 0.12 -11.72
N LYS A 547 -14.26 1.08 -11.81
CA LYS A 547 -13.92 2.50 -11.68
C LYS A 547 -13.30 2.84 -10.33
N ARG A 548 -13.61 2.06 -9.30
CA ARG A 548 -13.05 2.29 -7.98
C ARG A 548 -11.62 1.79 -7.85
N ILE A 549 -11.39 0.51 -8.12
CA ILE A 549 -10.02 0.01 -8.20
C ILE A 549 -9.20 0.85 -9.19
N GLY A 550 -9.85 1.29 -10.28
CA GLY A 550 -9.19 2.10 -11.27
C GLY A 550 -8.75 3.45 -10.74
N HIS A 551 -9.65 4.09 -9.98
CA HIS A 551 -9.39 5.40 -9.38
C HIS A 551 -8.23 5.38 -8.44
N PHE A 552 -8.23 4.45 -7.50
CA PHE A 552 -7.12 4.33 -6.56
C PHE A 552 -5.84 3.83 -7.22
N LEU A 553 -5.96 2.89 -8.16
CA LEU A 553 -4.83 2.46 -8.95
C LEU A 553 -4.06 3.69 -9.47
N PHE A 554 -4.78 4.56 -10.18
CA PHE A 554 -4.25 5.84 -10.62
C PHE A 554 -3.41 6.54 -9.53
N TRP A 555 -4.04 6.91 -8.42
CA TRP A 555 -3.34 7.62 -7.33
C TRP A 555 -2.15 6.91 -6.76
N PHE A 556 -2.21 5.58 -6.73
CA PHE A 556 -1.13 4.79 -6.19
C PHE A 556 0.08 4.80 -7.12
N LEU A 557 -0.17 4.72 -8.42
CA LEU A 557 0.89 4.77 -9.40
C LEU A 557 1.39 6.20 -9.51
N ARG A 558 0.46 7.15 -9.43
CA ARG A 558 0.85 8.54 -9.53
C ARG A 558 1.76 8.94 -8.38
N SER A 559 1.35 8.54 -7.18
CA SER A 559 2.14 8.74 -5.95
C SER A 559 3.62 8.34 -6.08
N GLU A 560 3.87 7.14 -6.65
CA GLU A 560 5.22 6.64 -6.85
C GLU A 560 5.94 7.31 -8.01
N ILE A 561 5.22 7.60 -9.08
CA ILE A 561 5.81 8.27 -10.26
C ILE A 561 6.42 9.62 -9.86
N ALA A 562 5.75 10.33 -8.96
CA ALA A 562 6.16 11.66 -8.52
C ALA A 562 7.37 11.64 -7.62
N GLN A 563 7.62 10.53 -6.91
CA GLN A 563 8.74 10.55 -5.97
C GLN A 563 9.70 9.36 -6.01
N SER A 564 9.57 8.50 -7.02
CA SER A 564 10.53 7.42 -7.16
C SER A 564 11.17 7.43 -8.53
N ARG A 565 12.38 7.97 -8.61
CA ARG A 565 13.18 7.91 -9.83
C ARG A 565 13.46 6.44 -10.17
N HIS A 566 13.51 5.60 -9.14
CA HIS A 566 13.78 4.17 -9.32
C HIS A 566 12.70 3.42 -10.04
N TYR A 567 11.46 3.88 -9.92
CA TYR A 567 10.37 3.14 -10.53
C TYR A 567 9.33 3.98 -11.29
N GLN A 568 9.61 5.26 -11.49
CA GLN A 568 8.66 6.11 -12.23
C GLN A 568 8.41 5.62 -13.67
N GLN A 569 9.46 5.23 -14.37
CA GLN A 569 9.33 4.80 -15.77
C GLN A 569 8.38 3.63 -15.92
N ARG A 570 8.55 2.63 -15.07
CA ARG A 570 7.74 1.42 -15.08
C ARG A 570 6.29 1.71 -14.72
N PHE A 571 6.07 2.31 -13.55
CA PHE A 571 4.75 2.75 -13.14
C PHE A 571 4.08 3.65 -14.19
N ALA A 572 4.86 4.55 -14.79
CA ALA A 572 4.39 5.42 -15.87
C ALA A 572 3.82 4.62 -17.04
N VAL A 573 4.56 3.60 -17.46
CA VAL A 573 4.11 2.69 -18.52
C VAL A 573 2.78 2.01 -18.16
N ILE A 574 2.68 1.52 -16.91
CA ILE A 574 1.48 0.86 -16.43
C ILE A 574 0.31 1.82 -16.36
N LEU A 575 0.56 3.02 -15.83
CA LEU A 575 -0.49 4.03 -15.69
C LEU A 575 -1.02 4.48 -17.04
N GLU A 576 -0.11 4.78 -17.97
CA GLU A 576 -0.50 5.12 -19.35
C GLU A 576 -1.43 4.06 -19.91
N ALA A 577 -1.08 2.79 -19.65
CA ALA A 577 -1.90 1.67 -20.06
C ALA A 577 -3.32 1.77 -19.51
N TYR A 578 -3.44 1.95 -18.18
CA TYR A 578 -4.75 2.14 -17.53
C TYR A 578 -5.50 3.32 -18.14
N LEU A 579 -4.79 4.43 -18.33
CA LEU A 579 -5.42 5.67 -18.76
C LEU A 579 -6.04 5.53 -20.16
N ARG A 580 -5.37 4.77 -21.02
CA ARG A 580 -5.81 4.56 -22.40
C ARG A 580 -6.99 3.61 -22.47
N GLY A 581 -7.55 3.25 -21.32
CA GLY A 581 -8.65 2.31 -21.28
C GLY A 581 -9.78 2.72 -20.37
N CYS A 582 -9.52 3.66 -19.47
CA CYS A 582 -10.51 4.03 -18.45
C CYS A 582 -11.73 4.79 -19.00
N GLY A 583 -11.62 5.32 -20.22
CA GLY A 583 -12.75 5.99 -20.86
C GLY A 583 -12.87 7.46 -20.46
N THR A 584 -13.22 8.29 -21.45
CA THR A 584 -13.23 9.76 -21.34
C THR A 584 -13.73 10.32 -20.03
N ALA A 585 -14.79 9.75 -19.48
CA ALA A 585 -15.37 10.24 -18.25
C ALA A 585 -14.29 10.40 -17.17
N MET A 586 -13.57 9.32 -16.91
CA MET A 586 -12.58 9.29 -15.83
C MET A 586 -11.34 10.12 -16.16
N LEU A 587 -10.96 10.12 -17.43
CA LEU A 587 -9.86 10.95 -17.90
C LEU A 587 -10.15 12.42 -17.63
N HIS A 588 -11.43 12.78 -17.73
CA HIS A 588 -11.90 14.12 -17.42
C HIS A 588 -11.91 14.32 -15.93
N ASP A 589 -12.28 13.27 -15.20
CA ASP A 589 -12.25 13.33 -13.75
C ASP A 589 -10.83 13.53 -13.26
N PHE A 590 -9.94 12.63 -13.69
CA PHE A 590 -8.53 12.70 -13.35
C PHE A 590 -7.92 14.06 -13.65
N THR A 591 -8.22 14.57 -14.85
CA THR A 591 -7.72 15.88 -15.27
C THR A 591 -8.11 16.95 -14.25
N GLN A 592 -9.39 17.05 -13.96
CA GLN A 592 -9.88 17.91 -12.90
C GLN A 592 -9.11 17.71 -11.59
N GLN A 593 -9.02 16.45 -11.15
CA GLN A 593 -8.37 16.10 -9.89
C GLN A 593 -6.92 16.60 -9.83
N VAL A 594 -6.17 16.40 -10.91
CA VAL A 594 -4.75 16.77 -10.90
C VAL A 594 -4.61 18.29 -10.79
N GLN A 595 -5.38 18.98 -11.62
CA GLN A 595 -5.35 20.45 -11.63
C GLN A 595 -5.58 21.02 -10.26
N VAL A 596 -6.67 20.59 -9.62
CA VAL A 596 -7.01 21.07 -8.29
C VAL A 596 -5.86 20.90 -7.30
N ILE A 597 -5.30 19.70 -7.23
CA ILE A 597 -4.26 19.42 -6.24
C ILE A 597 -2.92 20.09 -6.58
N GLU A 598 -2.72 20.46 -7.82
CA GLU A 598 -1.51 21.19 -8.17
C GLU A 598 -1.67 22.68 -7.91
N MET A 599 -2.91 23.15 -8.01
CA MET A 599 -3.27 24.51 -7.59
C MET A 599 -3.02 24.64 -6.11
N LEU A 600 -3.50 23.65 -5.36
CA LEU A 600 -3.44 23.71 -3.91
C LEU A 600 -2.04 23.45 -3.34
N GLN A 601 -1.29 22.53 -3.95
CA GLN A 601 0.10 22.28 -3.58
C GLN A 601 0.96 23.53 -3.72
N LYS A 602 0.65 24.35 -4.72
CA LYS A 602 1.36 25.61 -4.93
C LYS A 602 1.04 26.57 -3.80
N VAL A 603 -0.24 26.65 -3.44
CA VAL A 603 -0.70 27.50 -2.36
C VAL A 603 -0.17 26.98 -1.02
N THR A 604 0.25 25.72 -0.97
CA THR A 604 0.91 25.18 0.21
C THR A 604 2.40 25.53 0.19
N LEU A 605 3.06 25.19 -0.92
CA LEU A 605 4.46 25.56 -1.19
C LEU A 605 4.66 27.03 -0.85
N ASP A 606 3.86 27.87 -1.47
CA ASP A 606 4.00 29.32 -1.37
C ASP A 606 3.74 29.89 0.02
N ILE A 607 2.74 29.34 0.71
CA ILE A 607 2.37 29.85 2.04
C ILE A 607 3.42 29.48 3.08
N LYS A 608 3.94 28.26 2.97
CA LYS A 608 4.98 27.77 3.88
C LYS A 608 6.15 28.75 3.94
N SER A 609 6.58 29.23 2.76
CA SER A 609 7.66 30.22 2.62
C SER A 609 7.51 31.52 3.42
N LEU A 610 6.27 31.89 3.74
CA LEU A 610 5.98 33.17 4.38
C LEU A 610 6.17 33.22 5.91
N SER A 611 6.48 32.08 6.52
CA SER A 611 6.46 31.95 7.98
C SER A 611 7.79 31.58 8.64
N ALA A 612 8.22 32.41 9.59
CA ALA A 612 9.35 32.12 10.47
C ALA A 612 8.88 31.26 11.65
N GLU A 613 9.54 30.13 11.86
CA GLU A 613 9.14 29.15 12.87
C GLU A 613 9.46 29.63 14.29
N ASP A 616 3.83 29.12 14.66
CA ASP A 616 3.19 30.26 15.31
C ASP A 616 2.65 31.24 14.26
N VAL A 617 1.40 31.01 13.86
CA VAL A 617 0.77 31.69 12.72
C VAL A 617 0.90 33.22 12.77
N SER A 618 1.40 33.78 11.67
CA SER A 618 1.48 35.22 11.49
C SER A 618 0.11 35.81 11.15
N SER A 619 -0.10 37.07 11.55
CA SER A 619 -1.29 37.82 11.16
C SER A 619 -1.32 38.01 9.65
N GLN A 620 -0.16 38.40 9.11
CA GLN A 620 0.04 38.63 7.68
C GLN A 620 -0.23 37.39 6.80
N VAL A 621 0.08 36.20 7.32
CA VAL A 621 -0.10 34.97 6.54
C VAL A 621 -1.58 34.63 6.33
N ILE A 622 -2.43 35.11 7.23
CA ILE A 622 -3.88 34.95 7.10
C ILE A 622 -4.39 35.79 5.92
N SER A 623 -3.86 37.01 5.80
CA SER A 623 -4.15 37.88 4.66
C SER A 623 -3.84 37.17 3.35
N GLN A 624 -2.61 36.70 3.20
CA GLN A 624 -2.13 36.10 1.96
C GLN A 624 -2.81 34.78 1.62
N LEU A 625 -3.05 33.94 2.62
CA LEU A 625 -3.70 32.66 2.41
C LEU A 625 -5.10 32.86 1.85
N LYS A 626 -5.90 33.61 2.61
CA LYS A 626 -7.30 33.85 2.27
C LYS A 626 -7.44 34.67 0.99
N GLN A 627 -6.43 35.48 0.70
CA GLN A 627 -6.31 36.16 -0.59
C GLN A 627 -6.19 35.12 -1.71
N LYS A 628 -5.15 34.29 -1.62
CA LYS A 628 -4.85 33.28 -2.63
C LYS A 628 -5.97 32.26 -2.86
N LEU A 629 -6.63 31.85 -1.79
CA LEU A 629 -7.75 30.91 -1.88
C LEU A 629 -8.99 31.53 -2.52
N GLU A 630 -9.15 32.85 -2.34
CA GLU A 630 -10.14 33.61 -3.10
C GLU A 630 -9.62 33.84 -4.52
N ASN A 631 -8.36 34.26 -4.63
CA ASN A 631 -7.72 34.49 -5.93
C ASN A 631 -7.60 33.23 -6.79
N LEU A 632 -7.81 32.07 -6.16
CA LEU A 632 -7.77 30.79 -6.85
C LEU A 632 -9.15 30.43 -7.39
N GLN A 633 -10.17 30.61 -6.54
CA GLN A 633 -11.56 30.31 -6.89
C GLN A 633 -12.11 31.19 -8.01
N ASN A 634 -11.49 32.37 -8.20
CA ASN A 634 -11.92 33.30 -9.23
C ASN A 634 -11.82 32.75 -10.66
N SER A 635 -10.68 32.15 -11.02
CA SER A 635 -10.45 31.73 -12.40
C SER A 635 -9.55 30.50 -12.58
N GLN A 636 -9.72 29.48 -11.74
CA GLN A 636 -8.94 28.24 -11.88
C GLN A 636 -9.66 26.96 -11.40
N LEU A 637 -10.17 27.00 -10.17
CA LEU A 637 -10.93 25.89 -9.58
C LEU A 637 -12.21 25.60 -10.36
N PRO A 638 -12.54 24.32 -10.54
CA PRO A 638 -13.75 23.99 -11.30
C PRO A 638 -14.96 24.00 -10.39
N GLU A 639 -16.15 24.04 -10.99
CA GLU A 639 -17.39 23.88 -10.24
C GLU A 639 -17.28 22.78 -9.17
N SER A 640 -16.54 21.71 -9.49
CA SER A 640 -16.33 20.59 -8.57
C SER A 640 -15.21 19.61 -8.98
N PHE A 641 -14.76 18.80 -8.02
CA PHE A 641 -13.77 17.73 -8.26
C PHE A 641 -14.00 16.53 -7.33
N ARG A 642 -13.54 15.35 -7.73
CA ARG A 642 -13.60 14.16 -6.89
C ARG A 642 -12.57 14.21 -5.76
N VAL A 643 -12.98 13.79 -4.58
CA VAL A 643 -12.08 13.72 -3.45
C VAL A 643 -11.20 12.48 -3.62
N PRO A 644 -9.92 12.66 -3.98
CA PRO A 644 -9.06 11.52 -4.28
C PRO A 644 -9.08 10.38 -3.24
N TYR A 645 -9.28 10.68 -1.96
CA TYR A 645 -9.28 9.60 -0.95
C TYR A 645 -10.67 9.01 -0.73
N ASP A 646 -11.67 9.61 -1.36
CA ASP A 646 -13.05 9.13 -1.28
C ASP A 646 -13.79 9.51 -2.57
N PRO A 647 -13.70 8.66 -3.59
CA PRO A 647 -14.22 8.99 -4.95
C PRO A 647 -15.73 8.97 -5.06
N GLY A 648 -16.41 8.64 -3.98
CA GLY A 648 -17.84 8.85 -3.91
C GLY A 648 -18.13 10.34 -3.94
N LEU A 649 -17.30 11.11 -3.24
CA LEU A 649 -17.57 12.50 -2.87
C LEU A 649 -17.04 13.54 -3.85
N LYS A 650 -17.95 14.29 -4.49
CA LYS A 650 -17.56 15.46 -5.26
C LYS A 650 -17.50 16.71 -4.37
N ALA A 651 -16.38 17.43 -4.43
CA ALA A 651 -16.22 18.69 -3.71
C ALA A 651 -16.44 19.88 -4.63
N GLY A 652 -17.16 20.88 -4.15
CA GLY A 652 -17.41 22.10 -4.91
C GLY A 652 -16.64 23.30 -4.37
N ALA A 653 -17.34 24.43 -4.28
CA ALA A 653 -16.75 25.69 -3.80
C ALA A 653 -16.06 25.54 -2.44
N LEU A 654 -15.01 26.35 -2.24
CA LEU A 654 -14.30 26.41 -0.96
C LEU A 654 -15.08 27.16 0.12
N ALA A 655 -14.91 26.73 1.37
CA ALA A 655 -15.39 27.48 2.52
C ALA A 655 -14.22 28.31 3.03
N ILE A 656 -13.92 29.38 2.28
CA ILE A 656 -12.74 30.22 2.52
C ILE A 656 -12.61 30.64 3.98
N GLU A 657 -13.74 30.93 4.61
CA GLU A 657 -13.80 31.43 5.99
C GLU A 657 -13.22 30.42 6.98
N LYS A 658 -13.37 29.13 6.64
CA LYS A 658 -13.00 28.03 7.53
C LYS A 658 -11.60 27.49 7.26
N CYS A 659 -10.94 28.03 6.24
CA CYS A 659 -9.60 27.61 5.84
C CYS A 659 -8.52 28.31 6.67
N LYS A 660 -7.49 27.57 7.02
CA LYS A 660 -6.44 28.07 7.92
C LYS A 660 -5.09 27.38 7.73
N VAL A 661 -4.14 27.69 8.60
CA VAL A 661 -2.83 27.04 8.64
C VAL A 661 -2.52 26.71 10.11
N MET A 662 -2.17 25.46 10.41
CA MET A 662 -1.96 25.06 11.82
C MET A 662 -0.72 25.67 12.46
N ALA A 663 -0.86 26.04 13.74
CA ALA A 663 0.29 26.34 14.60
C ALA A 663 1.13 25.06 14.66
N SER A 664 1.95 24.89 13.62
CA SER A 664 2.79 23.71 13.42
C SER A 664 3.97 24.12 12.55
N LYS A 665 5.09 23.42 12.71
CA LYS A 665 6.33 23.79 12.01
C LYS A 665 6.35 23.39 10.53
N LYS A 666 5.37 22.59 10.10
CA LYS A 666 5.28 22.16 8.71
C LYS A 666 4.17 22.86 7.94
N LYS A 667 3.58 23.88 8.60
CA LYS A 667 2.50 24.71 8.06
C LYS A 667 1.56 24.00 7.08
N PRO A 668 0.85 22.94 7.53
CA PRO A 668 -0.15 22.34 6.66
C PRO A 668 -1.38 23.22 6.48
N LEU A 669 -2.08 23.05 5.36
CA LEU A 669 -3.30 23.81 5.10
C LEU A 669 -4.53 23.07 5.57
N TRP A 670 -5.48 23.81 6.12
CA TRP A 670 -6.74 23.25 6.59
C TRP A 670 -7.81 23.76 5.69
N LEU A 671 -8.15 22.97 4.68
CA LEU A 671 -9.10 23.41 3.66
C LEU A 671 -10.43 22.76 3.90
N GLU A 672 -11.51 23.50 3.63
CA GLU A 672 -12.86 22.96 3.70
C GLU A 672 -13.67 23.32 2.46
N PHE A 673 -14.38 22.33 1.92
CA PHE A 673 -15.14 22.50 0.68
C PHE A 673 -16.60 22.17 0.91
N LYS A 674 -17.47 22.94 0.25
CA LYS A 674 -18.88 22.57 0.13
C LYS A 674 -18.98 21.34 -0.75
N CYS A 675 -19.96 20.49 -0.46
CA CYS A 675 -20.25 19.36 -1.33
C CYS A 675 -20.95 19.88 -2.58
N ALA A 676 -20.48 19.41 -3.73
CA ALA A 676 -21.00 19.82 -5.03
C ALA A 676 -22.42 19.30 -5.31
N ASP A 677 -22.89 18.39 -4.46
CA ASP A 677 -24.10 17.63 -4.74
C ASP A 677 -25.30 18.22 -4.01
N PRO A 678 -26.25 18.78 -4.78
CA PRO A 678 -27.43 19.39 -4.18
C PRO A 678 -28.27 18.37 -3.43
N THR A 679 -28.22 17.12 -3.90
CA THR A 679 -28.97 16.03 -3.28
C THR A 679 -28.33 15.58 -1.97
N ALA A 680 -27.10 16.02 -1.72
CA ALA A 680 -26.35 15.69 -0.51
C ALA A 680 -26.96 16.32 0.73
N LEU A 681 -27.96 15.65 1.31
CA LEU A 681 -28.72 16.21 2.43
C LEU A 681 -27.93 16.38 3.74
N SER A 682 -26.63 16.61 3.60
CA SER A 682 -25.77 17.03 4.69
C SER A 682 -25.67 18.56 4.65
N ASN A 683 -24.76 19.10 5.43
CA ASN A 683 -24.37 20.51 5.37
C ASN A 683 -22.89 20.58 5.74
N GLU A 684 -22.44 19.50 6.39
CA GLU A 684 -21.04 19.24 6.67
C GLU A 684 -20.17 19.49 5.45
N THR A 685 -19.06 20.20 5.67
CA THR A 685 -18.10 20.42 4.62
C THR A 685 -17.26 19.18 4.45
N ILE A 686 -16.49 19.17 3.38
CA ILE A 686 -15.48 18.17 3.15
C ILE A 686 -14.18 18.81 3.59
N GLY A 687 -13.52 18.20 4.56
CA GLY A 687 -12.29 18.78 5.10
C GLY A 687 -11.07 18.06 4.57
N ILE A 688 -10.11 18.85 4.06
CA ILE A 688 -8.84 18.29 3.61
C ILE A 688 -7.65 19.07 4.15
N ILE A 689 -6.63 18.34 4.56
CA ILE A 689 -5.36 18.90 4.98
C ILE A 689 -4.36 18.66 3.87
N PHE A 690 -3.65 19.73 3.47
CA PHE A 690 -2.50 19.60 2.58
C PHE A 690 -1.21 19.86 3.35
N LYS A 691 -0.23 18.97 3.18
CA LYS A 691 0.97 19.06 3.99
C LYS A 691 2.22 18.67 3.24
N HIS A 692 3.20 19.58 3.28
CA HIS A 692 4.55 19.33 2.82
C HIS A 692 5.46 19.20 4.00
N GLY A 693 6.46 18.33 3.88
CA GLY A 693 7.42 18.09 4.96
C GLY A 693 7.45 16.65 5.42
N ASP A 694 6.29 15.99 5.33
CA ASP A 694 6.11 14.58 5.71
C ASP A 694 6.11 13.63 4.51
N ASP A 695 6.70 12.45 4.67
CA ASP A 695 6.49 11.39 3.67
C ASP A 695 5.22 10.59 3.98
N LEU A 696 4.16 10.89 3.23
CA LEU A 696 2.85 10.31 3.43
C LEU A 696 2.69 8.93 2.82
N ARG A 697 3.69 8.48 2.07
CA ARG A 697 3.69 7.10 1.58
C ARG A 697 3.73 6.12 2.73
N GLN A 698 4.41 6.54 3.80
CA GLN A 698 4.49 5.76 5.02
C GLN A 698 3.15 5.74 5.74
N ASP A 699 2.42 6.85 5.67
CA ASP A 699 1.10 6.91 6.27
C ASP A 699 0.15 5.98 5.53
N MET A 700 0.11 6.15 4.21
CA MET A 700 -0.68 5.30 3.32
C MET A 700 -0.53 3.83 3.67
N LEU A 701 0.72 3.40 3.77
CA LEU A 701 1.05 2.02 4.08
C LEU A 701 0.48 1.54 5.42
N ILE A 702 0.76 2.28 6.50
CA ILE A 702 0.21 1.97 7.82
C ILE A 702 -1.32 2.01 7.84
N LEU A 703 -1.90 3.01 7.19
CA LEU A 703 -3.35 3.13 7.16
C LEU A 703 -3.96 1.95 6.42
N GLN A 704 -3.30 1.52 5.35
CA GLN A 704 -3.79 0.39 4.58
C GLN A 704 -3.73 -0.89 5.42
N ILE A 705 -2.63 -1.07 6.12
CA ILE A 705 -2.51 -2.21 7.02
C ILE A 705 -3.64 -2.21 8.03
N LEU A 706 -4.03 -1.03 8.53
CA LEU A 706 -5.12 -0.91 9.52
C LEU A 706 -6.47 -1.35 8.97
N ARG A 707 -6.75 -0.98 7.72
CA ARG A 707 -7.92 -1.48 7.03
C ARG A 707 -7.90 -3.00 6.91
N ILE A 708 -6.70 -3.58 6.88
CA ILE A 708 -6.57 -5.03 6.74
C ILE A 708 -6.82 -5.72 8.06
N MET A 709 -6.27 -5.14 9.12
CA MET A 709 -6.53 -5.63 10.47
C MET A 709 -8.01 -5.57 10.78
N GLU A 710 -8.67 -4.52 10.28
CA GLU A 710 -10.11 -4.38 10.48
C GLU A 710 -10.86 -5.55 9.88
N SER A 711 -10.62 -5.83 8.60
CA SER A 711 -11.33 -6.93 7.95
C SER A 711 -10.96 -8.31 8.49
N ILE A 712 -9.74 -8.45 9.01
CA ILE A 712 -9.36 -9.67 9.75
C ILE A 712 -10.30 -9.86 10.94
N TRP A 713 -10.48 -8.78 11.70
CA TRP A 713 -11.39 -8.78 12.83
C TRP A 713 -12.81 -9.06 12.41
N GLU A 714 -13.20 -8.59 11.23
CA GLU A 714 -14.53 -8.84 10.66
C GLU A 714 -14.79 -10.34 10.46
N THR A 715 -13.78 -11.08 10.02
CA THR A 715 -13.87 -12.55 9.84
C THR A 715 -14.19 -13.25 11.17
N GLU A 716 -13.84 -12.61 12.28
CA GLU A 716 -14.14 -13.16 13.61
C GLU A 716 -15.23 -12.35 14.34
N SER A 717 -16.03 -11.63 13.54
CA SER A 717 -17.19 -10.87 14.03
C SER A 717 -16.85 -9.76 15.03
N LEU A 718 -15.56 -9.46 15.16
CA LEU A 718 -15.13 -8.33 15.97
C LEU A 718 -15.14 -7.04 15.18
N ASP A 719 -15.49 -5.96 15.88
CA ASP A 719 -15.31 -4.60 15.42
C ASP A 719 -14.40 -3.97 16.45
N LEU A 720 -13.45 -3.17 16.01
CA LEU A 720 -12.65 -2.39 16.96
C LEU A 720 -12.59 -0.89 16.64
N CYS A 721 -13.53 -0.46 15.80
CA CYS A 721 -13.78 0.94 15.47
C CYS A 721 -12.52 1.77 15.25
N LEU A 722 -11.53 1.18 14.59
CA LEU A 722 -10.37 1.91 14.14
C LEU A 722 -10.87 3.03 13.26
N LEU A 723 -10.09 4.11 13.19
CA LEU A 723 -10.39 5.20 12.28
C LEU A 723 -9.23 5.40 11.33
N PRO A 724 -9.20 4.63 10.23
CA PRO A 724 -8.16 4.73 9.21
C PRO A 724 -8.57 5.76 8.18
N TYR A 725 -8.44 7.04 8.54
CA TYR A 725 -8.82 8.17 7.70
C TYR A 725 -8.10 8.13 6.38
N GLY A 726 -8.74 8.68 5.35
CA GLY A 726 -8.16 8.76 4.01
C GLY A 726 -6.90 9.61 4.00
N CYS A 727 -5.96 9.26 3.13
CA CYS A 727 -4.67 9.93 3.01
C CYS A 727 -4.01 9.52 1.71
N ILE A 728 -3.94 10.44 0.76
CA ILE A 728 -3.25 10.16 -0.49
C ILE A 728 -1.99 11.02 -0.60
N SER A 729 -0.86 10.36 -0.81
CA SER A 729 0.39 11.00 -1.18
C SER A 729 0.34 11.32 -2.67
N THR A 730 0.69 12.55 -3.02
CA THR A 730 0.52 13.06 -4.40
C THR A 730 1.85 13.38 -5.08
N GLY A 731 2.84 13.77 -4.27
CA GLY A 731 4.15 14.16 -4.78
C GLY A 731 5.26 13.96 -3.75
N ASP A 732 6.35 14.69 -3.91
CA ASP A 732 7.52 14.54 -3.06
C ASP A 732 7.32 15.21 -1.69
N LYS A 733 7.21 14.39 -0.65
CA LYS A 733 6.92 14.83 0.72
C LYS A 733 5.70 15.75 0.85
N ILE A 734 4.65 15.45 0.09
CA ILE A 734 3.46 16.29 0.00
C ILE A 734 2.20 15.47 -0.34
N GLY A 735 1.08 15.78 0.29
CA GLY A 735 -0.16 15.08 0.01
C GLY A 735 -1.38 15.65 0.70
N MET A 736 -2.43 14.85 0.72
CA MET A 736 -3.69 15.26 1.33
C MET A 736 -4.13 14.28 2.42
N ILE A 737 -4.91 14.78 3.37
CA ILE A 737 -5.37 13.99 4.52
C ILE A 737 -6.82 14.31 4.87
N GLU A 738 -7.63 13.27 5.10
CA GLU A 738 -9.03 13.47 5.42
C GLU A 738 -9.14 14.16 6.77
N ILE A 739 -9.89 15.26 6.83
CA ILE A 739 -10.21 15.86 8.12
C ILE A 739 -11.35 15.07 8.75
N VAL A 740 -11.06 14.44 9.89
CA VAL A 740 -12.06 13.69 10.63
C VAL A 740 -12.90 14.66 11.44
N LYS A 741 -14.19 14.69 11.14
CA LYS A 741 -15.08 15.66 11.75
C LYS A 741 -15.25 15.42 13.26
N ASP A 742 -15.48 16.52 13.99
CA ASP A 742 -15.62 16.57 15.46
C ASP A 742 -14.57 15.78 16.24
N ALA A 743 -13.30 16.10 16.02
CA ALA A 743 -12.22 15.39 16.68
C ALA A 743 -11.12 16.34 17.12
N THR A 744 -10.60 16.10 18.32
CA THR A 744 -9.46 16.86 18.80
C THR A 744 -8.39 15.89 19.32
N THR A 745 -7.19 16.40 19.62
CA THR A 745 -6.09 15.59 20.11
C THR A 745 -6.16 15.46 21.61
N ILE A 746 -5.65 14.35 22.14
CA ILE A 746 -5.56 14.12 23.59
C ILE A 746 -4.82 15.27 24.27
N ALA A 747 -3.71 15.68 23.68
CA ALA A 747 -2.87 16.73 24.24
C ALA A 747 -3.63 18.04 24.41
N LYS A 748 -4.40 18.43 23.40
CA LYS A 748 -5.15 19.68 23.46
C LYS A 748 -6.25 19.62 24.52
N ILE A 749 -6.70 18.40 24.83
CA ILE A 749 -7.63 18.22 25.94
C ILE A 749 -6.88 18.35 27.26
N GLN A 750 -5.61 17.97 27.28
CA GLN A 750 -4.75 18.23 28.44
C GLN A 750 -4.32 19.70 28.52
N GLN A 751 -4.18 20.35 27.37
CA GLN A 751 -3.76 21.76 27.29
C GLN A 751 -4.89 22.73 27.64
N SER A 752 -6.13 22.26 27.60
CA SER A 752 -7.29 23.12 27.83
C SER A 752 -7.77 23.19 29.29
N THR A 753 -7.63 22.08 30.02
CA THR A 753 -8.07 22.02 31.42
C THR A 753 -6.92 22.33 32.38
N VAL A 754 -5.76 21.73 32.13
CA VAL A 754 -4.58 21.87 32.99
C VAL A 754 -3.65 23.00 32.52
N GLY A 755 -3.51 23.15 31.20
CA GLY A 755 -2.61 24.13 30.61
C GLY A 755 -1.35 23.46 30.08
N ASN A 756 -0.41 24.28 29.58
CA ASN A 756 0.88 23.74 29.14
C ASN A 756 1.84 23.50 30.31
N THR A 757 2.99 22.89 30.00
CA THR A 757 3.83 22.19 30.98
C THR A 757 3.02 21.07 31.67
N GLY A 758 2.27 20.34 30.85
CA GLY A 758 1.29 19.33 31.26
C GLY A 758 1.42 18.65 32.62
N ALA A 759 0.87 19.29 33.65
CA ALA A 759 0.73 18.67 34.98
C ALA A 759 -0.42 17.67 34.93
N PHE A 760 -0.29 16.69 34.05
CA PHE A 760 -1.40 15.85 33.59
C PHE A 760 -2.38 15.39 34.67
N LYS A 761 -3.66 15.67 34.44
CA LYS A 761 -4.73 15.20 35.29
C LYS A 761 -5.41 14.01 34.62
N ASP A 762 -6.07 13.19 35.44
CA ASP A 762 -6.60 11.91 34.99
C ASP A 762 -8.06 12.00 34.55
N GLU A 763 -8.80 12.89 35.22
CA GLU A 763 -10.25 13.05 35.07
C GLU A 763 -10.64 13.86 33.82
N VAL A 764 -9.67 14.52 33.20
CA VAL A 764 -9.92 15.42 32.06
C VAL A 764 -10.70 14.78 30.89
N LEU A 765 -10.22 13.63 30.42
CA LEU A 765 -10.80 12.98 29.24
C LEU A 765 -12.25 12.56 29.45
N ASN A 766 -12.49 11.86 30.56
CA ASN A 766 -13.84 11.43 30.93
C ASN A 766 -14.86 12.57 31.00
N HIS A 767 -14.44 13.74 31.50
CA HIS A 767 -15.35 14.89 31.62
C HIS A 767 -15.26 15.83 30.44
N TRP A 768 -14.29 15.59 29.56
CA TRP A 768 -14.33 16.19 28.22
C TRP A 768 -15.35 15.48 27.39
N LEU A 769 -15.34 14.15 27.45
CA LEU A 769 -16.35 13.32 26.83
C LEU A 769 -17.73 13.71 27.33
N LYS A 770 -17.89 13.72 28.64
CA LYS A 770 -19.14 14.06 29.27
C LYS A 770 -19.64 15.39 28.72
N GLU A 771 -18.76 16.39 28.66
CA GLU A 771 -19.14 17.73 28.20
C GLU A 771 -19.36 17.84 26.68
N LYS A 772 -19.05 16.78 25.94
CA LYS A 772 -19.37 16.73 24.51
C LYS A 772 -20.59 15.84 24.25
N SER A 773 -21.00 15.10 25.28
CA SER A 773 -22.17 14.23 25.18
C SER A 773 -23.44 14.97 25.59
N PRO A 774 -24.53 14.78 24.82
CA PRO A 774 -25.81 15.42 25.18
C PRO A 774 -26.57 14.66 26.27
N THR A 775 -26.71 13.34 26.10
CA THR A 775 -27.43 12.49 27.04
C THR A 775 -26.49 11.47 27.67
N GLU A 776 -26.96 10.77 28.69
CA GLU A 776 -26.22 9.66 29.28
C GLU A 776 -26.10 8.50 28.28
N GLU A 777 -27.17 8.29 27.50
CA GLU A 777 -27.22 7.22 26.51
C GLU A 777 -26.09 7.40 25.50
N LYS A 778 -26.00 8.61 24.97
CA LYS A 778 -24.98 8.96 24.00
C LYS A 778 -23.61 9.12 24.64
N PHE A 779 -23.57 9.29 25.97
CA PHE A 779 -22.31 9.29 26.71
C PHE A 779 -21.76 7.88 26.86
N GLN A 780 -22.58 6.94 27.34
CA GLN A 780 -22.10 5.59 27.61
C GLN A 780 -21.79 4.82 26.33
N ALA A 781 -22.54 5.12 25.27
CA ALA A 781 -22.23 4.62 23.93
C ALA A 781 -20.86 5.12 23.51
N ALA A 782 -20.57 6.38 23.87
CA ALA A 782 -19.28 6.99 23.57
C ALA A 782 -18.15 6.40 24.40
N VAL A 783 -18.45 6.01 25.65
CA VAL A 783 -17.46 5.32 26.49
C VAL A 783 -17.21 3.93 25.91
N GLU A 784 -18.27 3.30 25.42
CA GLU A 784 -18.15 1.98 24.79
C GLU A 784 -17.28 2.03 23.54
N ARG A 785 -17.58 2.99 22.66
CA ARG A 785 -16.80 3.25 21.46
C ARG A 785 -15.33 3.44 21.78
N PHE A 786 -15.07 4.06 22.92
CA PHE A 786 -13.71 4.32 23.38
C PHE A 786 -13.01 3.05 23.82
N VAL A 787 -13.75 2.13 24.41
CA VAL A 787 -13.18 0.86 24.86
C VAL A 787 -12.70 0.03 23.66
N TYR A 788 -13.55 -0.02 22.62
CA TYR A 788 -13.21 -0.66 21.35
C TYR A 788 -12.08 0.09 20.63
N SER A 789 -12.25 1.41 20.51
CA SER A 789 -11.28 2.25 19.80
C SER A 789 -9.90 2.11 20.40
N CYS A 790 -9.83 2.31 21.71
CA CYS A 790 -8.56 2.23 22.42
C CYS A 790 -7.89 0.89 22.19
N ALA A 791 -8.62 -0.21 22.43
CA ALA A 791 -8.09 -1.57 22.33
C ALA A 791 -7.59 -1.90 20.92
N GLY A 792 -8.38 -1.51 19.93
CA GLY A 792 -7.97 -1.63 18.53
C GLY A 792 -6.61 -1.01 18.31
N TYR A 793 -6.51 0.28 18.60
CA TYR A 793 -5.24 1.00 18.41
C TYR A 793 -4.14 0.54 19.34
N CYS A 794 -4.50 -0.09 20.45
CA CYS A 794 -3.52 -0.66 21.36
C CYS A 794 -2.88 -1.83 20.66
N VAL A 795 -3.73 -2.76 20.21
CA VAL A 795 -3.29 -3.99 19.57
C VAL A 795 -2.53 -3.71 18.28
N ALA A 796 -3.15 -2.89 17.42
CA ALA A 796 -2.59 -2.50 16.14
C ALA A 796 -1.23 -1.82 16.29
N THR A 797 -1.12 -0.83 17.17
CA THR A 797 0.14 -0.09 17.26
C THR A 797 1.27 -0.95 17.79
N PHE A 798 0.97 -1.78 18.80
CA PHE A 798 1.99 -2.69 19.37
C PHE A 798 2.57 -3.63 18.32
N VAL A 799 1.68 -4.26 17.54
CA VAL A 799 2.08 -5.22 16.50
C VAL A 799 2.96 -4.56 15.45
N LEU A 800 2.56 -3.36 15.01
CA LEU A 800 3.34 -2.59 14.05
C LEU A 800 4.57 -1.90 14.66
N GLY A 801 4.66 -1.88 15.99
CA GLY A 801 5.81 -1.31 16.67
C GLY A 801 5.83 0.21 16.60
N ILE A 802 4.66 0.79 16.45
CA ILE A 802 4.50 2.24 16.43
C ILE A 802 3.60 2.67 17.60
N GLY A 803 3.70 1.92 18.70
CA GLY A 803 2.81 2.09 19.84
C GLY A 803 3.19 3.23 20.77
N ASP A 804 4.49 3.40 20.98
CA ASP A 804 5.05 4.45 21.83
C ASP A 804 4.92 5.80 21.15
N ARG A 805 3.92 6.58 21.57
CA ARG A 805 3.62 7.83 20.88
C ARG A 805 3.28 9.01 21.77
N HIS A 806 4.03 10.10 21.58
CA HIS A 806 3.61 11.47 21.91
C HIS A 806 2.15 11.64 21.60
N ASN A 807 1.40 12.25 22.52
CA ASN A 807 -0.07 12.21 22.46
C ASN A 807 -0.79 13.47 21.93
N ASP A 808 -0.09 14.27 21.14
CA ASP A 808 -0.77 15.20 20.25
C ASP A 808 -0.85 14.52 18.88
N ASN A 809 -0.41 13.26 18.86
CA ASN A 809 -0.60 12.32 17.74
C ASN A 809 -1.69 11.29 18.01
N ILE A 810 -2.45 11.44 19.09
CA ILE A 810 -3.65 10.61 19.29
C ILE A 810 -4.87 11.50 19.39
N MET A 811 -5.90 11.13 18.64
CA MET A 811 -7.09 11.94 18.56
C MET A 811 -8.32 11.15 18.95
N ILE A 812 -9.33 11.87 19.42
CA ILE A 812 -10.60 11.30 19.79
C ILE A 812 -11.67 12.15 19.15
N THR A 813 -12.74 11.51 18.66
CA THR A 813 -13.89 12.25 18.18
C THR A 813 -14.79 12.57 19.38
N GLU A 814 -15.65 13.58 19.24
CA GLU A 814 -16.61 13.93 20.28
C GLU A 814 -17.60 12.81 20.54
N THR A 815 -17.45 11.69 19.82
CA THR A 815 -18.34 10.54 19.98
C THR A 815 -17.62 9.31 20.51
N GLY A 816 -16.44 9.54 21.09
CA GLY A 816 -15.69 8.49 21.78
C GLY A 816 -14.63 7.76 20.98
N ASN A 817 -14.53 8.05 19.69
CA ASN A 817 -13.62 7.31 18.84
C ASN A 817 -12.16 7.78 18.97
N LEU A 818 -11.32 6.90 19.51
CA LEU A 818 -9.89 7.17 19.63
C LEU A 818 -9.16 6.72 18.38
N PHE A 819 -8.21 7.51 17.92
CA PHE A 819 -7.41 7.14 16.75
C PHE A 819 -6.07 7.85 16.64
N HIS A 820 -5.03 7.11 16.30
CA HIS A 820 -3.69 7.67 16.06
C HIS A 820 -3.60 8.39 14.76
N ILE A 821 -2.66 9.32 14.66
CA ILE A 821 -2.44 10.11 13.43
C ILE A 821 -0.96 10.26 13.17
N ASP A 822 -0.63 11.08 12.17
CA ASP A 822 0.73 11.35 11.71
C ASP A 822 1.77 10.24 11.86
N PHE A 823 1.52 9.11 11.21
CA PHE A 823 2.44 7.99 11.20
C PHE A 823 3.77 8.22 10.46
N GLY A 824 3.89 9.36 9.78
CA GLY A 824 5.08 9.64 8.99
C GLY A 824 6.23 10.15 9.83
N HIS A 825 6.54 9.41 10.88
CA HIS A 825 7.55 9.81 11.85
C HIS A 825 8.60 8.76 12.06
N ILE A 826 8.15 7.51 12.12
CA ILE A 826 8.94 6.40 12.65
C ILE A 826 8.75 5.09 11.90
N GLU A 839 13.64 5.70 28.06
CA GLU A 839 13.01 4.38 28.06
C GLU A 839 11.58 4.38 27.50
N ARG A 840 11.10 3.19 27.18
CA ARG A 840 9.98 2.99 26.27
C ARG A 840 8.64 2.62 26.93
N VAL A 841 7.70 2.15 26.09
CA VAL A 841 6.35 1.72 26.47
C VAL A 841 5.72 1.03 25.23
N PRO A 842 5.01 -0.10 25.40
CA PRO A 842 4.53 -0.87 24.24
C PRO A 842 3.54 -0.14 23.34
N PHE A 843 2.52 0.46 23.95
CA PHE A 843 1.52 1.28 23.26
C PHE A 843 1.02 2.34 24.24
N VAL A 844 0.05 3.17 23.83
CA VAL A 844 -0.44 4.22 24.72
C VAL A 844 -1.70 3.81 25.48
N LEU A 845 -1.57 3.69 26.80
CA LEU A 845 -2.70 3.39 27.68
C LEU A 845 -2.51 4.14 29.00
N THR A 846 -2.86 5.42 28.95
CA THR A 846 -2.56 6.33 30.04
C THR A 846 -3.69 6.38 31.07
N PRO A 847 -3.40 6.89 32.29
CA PRO A 847 -4.39 7.03 33.35
C PRO A 847 -5.68 7.72 32.88
N ASP A 848 -5.59 8.59 31.89
CA ASP A 848 -6.76 9.31 31.40
C ASP A 848 -7.70 8.39 30.63
N PHE A 849 -7.14 7.50 29.81
CA PHE A 849 -7.93 6.47 29.13
C PHE A 849 -8.52 5.53 30.16
N LEU A 850 -7.67 5.09 31.10
CA LEU A 850 -8.06 4.13 32.11
C LEU A 850 -9.22 4.64 32.99
N PHE A 851 -9.25 5.94 33.25
CA PHE A 851 -10.35 6.53 34.01
C PHE A 851 -11.65 6.58 33.23
N VAL A 852 -11.56 6.76 31.92
CA VAL A 852 -12.76 6.67 31.09
C VAL A 852 -13.34 5.27 31.20
N MET A 853 -12.44 4.28 31.29
CA MET A 853 -12.82 2.90 31.54
C MET A 853 -13.40 2.71 32.93
N GLY A 854 -12.93 3.53 33.88
CA GLY A 854 -13.44 3.52 35.27
C GLY A 854 -12.45 3.03 36.31
N THR A 855 -11.17 3.10 35.99
CA THR A 855 -10.09 2.54 36.80
C THR A 855 -9.22 3.68 37.31
N SER A 856 -8.32 3.38 38.25
CA SER A 856 -7.42 4.40 38.82
C SER A 856 -6.22 3.78 39.55
N GLY A 857 -5.08 3.73 38.88
CA GLY A 857 -3.83 3.24 39.46
C GLY A 857 -3.76 1.72 39.55
N LYS A 858 -4.58 1.15 40.44
CA LYS A 858 -4.62 -0.30 40.67
C LYS A 858 -6.04 -0.77 41.02
N LYS A 859 -6.82 -1.04 39.98
CA LYS A 859 -8.22 -1.43 40.12
C LYS A 859 -8.66 -2.23 38.88
N THR A 860 -9.92 -2.68 38.86
CA THR A 860 -10.50 -3.34 37.69
C THR A 860 -12.01 -3.08 37.58
N SER A 861 -12.36 -2.08 36.76
CA SER A 861 -13.75 -1.71 36.52
C SER A 861 -14.43 -2.75 35.63
N PRO A 862 -15.78 -2.70 35.53
CA PRO A 862 -16.48 -3.49 34.51
C PRO A 862 -15.94 -3.30 33.07
N HIS A 863 -15.63 -2.06 32.69
CA HIS A 863 -15.16 -1.76 31.33
C HIS A 863 -13.75 -2.20 31.06
N PHE A 864 -12.85 -2.02 32.03
CA PHE A 864 -11.44 -2.39 31.87
C PHE A 864 -11.25 -3.89 31.65
N GLN A 865 -12.12 -4.68 32.26
CA GLN A 865 -12.16 -6.13 32.03
C GLN A 865 -12.51 -6.40 30.56
N LYS A 866 -13.53 -5.69 30.06
CA LYS A 866 -13.97 -5.78 28.68
C LYS A 866 -12.86 -5.31 27.75
N PHE A 867 -12.12 -4.28 28.17
CA PHE A 867 -10.98 -3.77 27.41
C PHE A 867 -9.94 -4.87 27.20
N GLN A 868 -9.60 -5.56 28.29
CA GLN A 868 -8.65 -6.67 28.24
C GLN A 868 -9.22 -7.80 27.38
N ASP A 869 -10.49 -8.13 27.63
CA ASP A 869 -11.23 -9.12 26.84
C ASP A 869 -11.16 -8.80 25.35
N ILE A 870 -11.47 -7.56 24.98
CA ILE A 870 -11.44 -7.12 23.59
C ILE A 870 -10.01 -7.08 23.06
N CYS A 871 -9.06 -6.66 23.88
CA CYS A 871 -7.65 -6.65 23.50
C CYS A 871 -7.14 -8.03 23.13
N VAL A 872 -7.20 -8.95 24.10
CA VAL A 872 -6.70 -10.32 23.92
C VAL A 872 -7.34 -11.01 22.71
N LYS A 873 -8.64 -10.79 22.51
CA LYS A 873 -9.34 -11.30 21.34
C LYS A 873 -8.75 -10.71 20.05
N ALA A 874 -8.54 -9.39 20.04
CA ALA A 874 -8.02 -8.71 18.85
C ALA A 874 -6.61 -9.19 18.54
N TYR A 875 -5.79 -9.28 19.60
CA TYR A 875 -4.40 -9.68 19.47
C TYR A 875 -4.28 -11.10 18.93
N LEU A 876 -5.09 -12.01 19.46
CA LEU A 876 -5.07 -13.40 19.02
C LEU A 876 -5.69 -13.57 17.62
N ALA A 877 -6.61 -12.70 17.26
CA ALA A 877 -7.18 -12.74 15.90
C ALA A 877 -6.09 -12.40 14.89
N LEU A 878 -5.26 -11.41 15.20
CA LEU A 878 -4.15 -11.05 14.32
C LEU A 878 -3.23 -12.26 14.16
N ARG A 879 -2.94 -12.93 15.28
CA ARG A 879 -2.06 -14.09 15.29
C ARG A 879 -2.58 -15.21 14.39
N HIS A 880 -3.90 -15.28 14.19
CA HIS A 880 -4.47 -16.24 13.23
C HIS A 880 -4.23 -15.81 11.80
N HIS A 881 -3.41 -14.79 11.61
CA HIS A 881 -2.98 -14.32 10.30
C HIS A 881 -1.55 -13.85 10.36
N THR A 882 -0.78 -14.45 11.28
CA THR A 882 0.63 -14.16 11.49
C THR A 882 1.36 -14.07 10.17
N ASN A 883 1.44 -15.19 9.45
CA ASN A 883 2.02 -15.22 8.12
C ASN A 883 1.69 -13.99 7.28
N LEU A 884 0.40 -13.72 7.06
CA LEU A 884 0.00 -12.56 6.24
C LEU A 884 0.54 -11.22 6.76
N LEU A 885 0.46 -10.99 8.06
CA LEU A 885 0.92 -9.73 8.61
C LEU A 885 2.43 -9.60 8.49
N ILE A 886 3.16 -10.66 8.81
CA ILE A 886 4.61 -10.71 8.63
C ILE A 886 5.03 -10.23 7.23
N ILE A 887 4.37 -10.75 6.20
CA ILE A 887 4.71 -10.39 4.82
C ILE A 887 4.33 -8.97 4.46
N LEU A 888 3.16 -8.53 4.88
CA LEU A 888 2.75 -7.15 4.65
C LEU A 888 3.71 -6.17 5.33
N PHE A 889 4.09 -6.49 6.56
CA PHE A 889 5.07 -5.70 7.31
C PHE A 889 6.44 -5.66 6.63
N SER A 890 6.96 -6.82 6.20
CA SER A 890 8.21 -6.88 5.45
C SER A 890 8.16 -6.01 4.21
N MET A 891 7.09 -6.20 3.45
CA MET A 891 6.89 -5.52 2.19
C MET A 891 6.74 -4.03 2.45
N MET A 892 6.07 -3.69 3.55
CA MET A 892 5.89 -2.30 3.95
C MET A 892 7.22 -1.64 4.24
N LEU A 893 8.10 -2.35 4.94
CA LEU A 893 9.44 -1.82 5.24
C LEU A 893 10.28 -1.61 3.98
N MET A 894 10.32 -2.61 3.11
CA MET A 894 11.15 -2.60 1.90
C MET A 894 10.75 -1.58 0.84
N THR A 895 9.45 -1.27 0.75
CA THR A 895 8.94 -0.41 -0.31
C THR A 895 8.50 0.97 0.17
N GLY A 896 8.37 1.12 1.49
CA GLY A 896 7.84 2.35 2.09
C GLY A 896 8.74 3.14 3.01
N MET A 897 9.60 2.44 3.76
CA MET A 897 10.55 3.07 4.68
C MET A 897 11.99 2.95 4.21
N PRO A 898 12.50 3.97 3.50
CA PRO A 898 13.94 4.00 3.22
C PRO A 898 14.71 4.08 4.53
N GLN A 899 15.55 3.08 4.78
CA GLN A 899 16.30 2.96 6.02
C GLN A 899 17.37 1.86 5.90
N LEU A 900 17.62 1.43 4.65
CA LEU A 900 18.46 0.26 4.36
C LEU A 900 17.95 -0.97 5.13
N THR A 901 16.66 -0.93 5.50
CA THR A 901 16.01 -1.83 6.46
C THR A 901 16.55 -3.26 6.53
N SER A 902 17.00 -3.63 7.72
CA SER A 902 17.67 -4.91 7.96
C SER A 902 16.70 -5.98 8.46
N LYS A 903 17.20 -7.20 8.57
CA LYS A 903 16.47 -8.33 9.17
C LYS A 903 16.00 -7.94 10.57
N GLU A 904 16.88 -7.29 11.32
CA GLU A 904 16.62 -6.79 12.67
C GLU A 904 15.38 -5.91 12.74
N ASP A 905 15.22 -5.03 11.75
CA ASP A 905 14.03 -4.19 11.69
C ASP A 905 12.79 -5.03 11.51
N ILE A 906 12.87 -6.03 10.63
CA ILE A 906 11.72 -6.84 10.28
C ILE A 906 11.38 -7.89 11.35
N GLU A 907 12.41 -8.45 11.97
CA GLU A 907 12.20 -9.45 13.01
C GLU A 907 11.37 -8.95 14.19
N TYR A 908 11.06 -7.65 14.20
CA TYR A 908 10.26 -7.08 15.29
C TYR A 908 8.88 -7.73 15.44
N ILE A 909 8.21 -7.90 14.30
CA ILE A 909 6.83 -8.38 14.26
C ILE A 909 6.71 -9.87 14.59
N ARG A 910 7.81 -10.61 14.44
CA ARG A 910 7.88 -11.98 14.92
C ARG A 910 7.66 -11.98 16.43
N ASP A 911 8.46 -11.17 17.13
CA ASP A 911 8.36 -11.01 18.58
C ASP A 911 6.98 -10.46 18.97
N ALA A 912 6.54 -9.43 18.26
CA ALA A 912 5.31 -8.71 18.57
C ALA A 912 4.09 -9.63 18.52
N LEU A 913 4.06 -10.48 17.51
CA LEU A 913 3.00 -11.48 17.35
C LEU A 913 3.38 -12.83 17.99
N THR A 914 4.38 -12.81 18.88
CA THR A 914 4.89 -14.01 19.55
C THR A 914 4.69 -15.32 18.77
N VAL A 915 5.44 -15.47 17.69
CA VAL A 915 5.39 -16.66 16.85
C VAL A 915 5.92 -17.85 17.64
N GLY A 916 5.41 -19.04 17.34
CA GLY A 916 5.86 -20.28 17.97
C GLY A 916 5.26 -20.48 19.35
N LYS A 917 4.82 -19.39 19.97
CA LYS A 917 4.18 -19.48 21.28
C LYS A 917 2.71 -19.89 21.12
N ASN A 918 2.22 -20.61 22.14
CA ASN A 918 0.81 -21.02 22.22
C ASN A 918 -0.10 -19.87 22.60
N GLU A 919 -1.41 -20.07 22.42
CA GLU A 919 -2.39 -19.02 22.68
C GLU A 919 -2.40 -18.56 24.13
N GLU A 920 -2.33 -19.51 25.07
CA GLU A 920 -2.28 -19.19 26.50
C GLU A 920 -1.11 -18.26 26.83
N ASP A 921 0.09 -18.66 26.40
CA ASP A 921 1.34 -17.95 26.71
C ASP A 921 1.38 -16.50 26.19
N ALA A 922 0.83 -16.30 24.98
CA ALA A 922 0.80 -14.99 24.33
C ALA A 922 -0.24 -14.04 24.95
N LYS A 923 -1.35 -14.61 25.41
CA LYS A 923 -2.38 -13.84 26.12
C LYS A 923 -1.79 -13.15 27.36
N LYS A 924 -0.89 -13.85 28.05
CA LYS A 924 -0.21 -13.31 29.22
C LYS A 924 0.95 -12.41 28.83
N TYR A 925 1.49 -12.61 27.63
CA TYR A 925 2.46 -11.69 27.07
C TYR A 925 1.81 -10.34 26.84
N PHE A 926 0.65 -10.35 26.18
CA PHE A 926 -0.06 -9.12 25.88
C PHE A 926 -0.55 -8.43 27.15
N LEU A 927 -1.04 -9.21 28.10
CA LEU A 927 -1.51 -8.67 29.38
C LEU A 927 -0.37 -8.03 30.18
N ASP A 928 0.84 -8.58 30.05
CA ASP A 928 2.05 -7.94 30.58
C ASP A 928 2.27 -6.54 29.99
N GLN A 929 2.08 -6.42 28.68
CA GLN A 929 2.20 -5.15 27.96
C GLN A 929 1.28 -4.10 28.57
N ILE A 930 -0.02 -4.43 28.62
CA ILE A 930 -1.01 -3.57 29.27
C ILE A 930 -0.50 -3.09 30.63
N GLU A 931 0.01 -4.03 31.43
CA GLU A 931 0.47 -3.72 32.78
C GLU A 931 1.74 -2.88 32.85
N VAL A 932 2.53 -2.85 31.78
CA VAL A 932 3.67 -1.93 31.72
C VAL A 932 3.16 -0.50 31.56
N CYS A 933 2.14 -0.32 30.73
CA CYS A 933 1.48 0.97 30.55
C CYS A 933 0.80 1.43 31.83
N ARG A 934 0.16 0.49 32.52
CA ARG A 934 -0.45 0.75 33.82
C ARG A 934 0.61 1.25 34.78
N ASP A 935 1.74 0.55 34.82
CA ASP A 935 2.84 0.86 35.73
C ASP A 935 3.52 2.21 35.47
N LYS A 936 3.75 2.53 34.20
CA LYS A 936 4.49 3.73 33.80
C LYS A 936 3.74 5.07 34.01
N GLY A 937 2.40 5.02 34.00
CA GLY A 937 1.56 6.22 34.13
C GLY A 937 1.83 7.34 33.13
N TRP A 938 2.37 8.44 33.63
CA TRP A 938 2.61 9.65 32.83
C TRP A 938 4.06 9.87 32.51
N THR A 939 4.90 8.86 32.85
CA THR A 939 6.35 8.93 32.64
C THR A 939 6.82 9.25 31.21
N VAL A 940 6.50 8.39 30.23
CA VAL A 940 6.96 8.59 28.85
C VAL A 940 6.35 9.86 28.25
N GLN A 941 5.04 10.04 28.47
CA GLN A 941 4.30 11.24 28.02
C GLN A 941 5.02 12.51 28.46
N PHE A 942 5.26 12.62 29.76
CA PHE A 942 6.00 13.71 30.37
C PHE A 942 7.39 13.84 29.76
N ASN A 943 8.06 12.71 29.51
CA ASN A 943 9.43 12.68 29.00
C ASN A 943 9.59 13.27 27.62
N TRP A 944 8.57 13.09 26.77
CA TRP A 944 8.54 13.64 25.41
C TRP A 944 8.78 15.13 25.39
N PHE A 945 8.09 15.85 26.27
CA PHE A 945 8.21 17.32 26.41
C PHE A 945 9.51 17.96 25.91
N LEU A 946 10.54 17.97 26.77
CA LEU A 946 11.80 18.70 26.53
C LEU A 946 11.65 20.10 25.92
S SO4 B . -24.94 -13.65 6.06
O1 SO4 B . -24.57 -12.46 5.26
O2 SO4 B . -26.37 -13.94 5.86
O3 SO4 B . -24.14 -14.82 5.62
O4 SO4 B . -24.69 -13.41 7.51
S SO4 C . 17.38 -34.33 -7.72
O1 SO4 C . 18.67 -35.03 -7.91
O2 SO4 C . 17.62 -32.87 -7.88
O3 SO4 C . 16.41 -34.83 -8.73
O4 SO4 C . 16.86 -34.60 -6.36
S SO4 D . -8.36 1.95 -0.40
O1 SO4 D . -7.20 1.50 -1.21
O2 SO4 D . -8.73 3.34 -0.79
O3 SO4 D . -9.54 1.08 -0.62
O4 SO4 D . -7.98 1.93 1.04
C26 FJY E . -5.81 13.17 10.48
C27 FJY E . -7.32 13.08 10.34
O1 FJY E . -8.02 13.93 11.26
C28 FJY E . -7.75 15.27 10.93
C29 FJY E . -6.46 15.33 11.71
N4 FJY E . -5.43 14.46 11.09
C22 FJY E . -4.12 14.93 11.10
C23 FJY E . -3.95 16.16 11.73
C19 FJY E . -2.72 16.77 11.82
C21 FJY E . -3.00 14.28 10.55
C20 FJY E . -1.75 14.88 10.64
C18 FJY E . -1.61 16.12 11.28
C17 FJY E . -0.42 17.05 11.55
C24 FJY E . 0.75 16.25 12.13
C25 FJY E . -0.08 17.75 10.24
C16 FJY E . -0.94 18.05 12.58
N2 FJY E . -2.39 17.93 12.39
C7 FJY E . -3.31 18.84 12.75
C8 FJY E . -4.07 18.72 13.94
C11 FJY E . -3.81 17.53 14.88
C1 FJY E . -3.58 19.93 11.90
C6 FJY E . -2.87 20.09 10.72
C5 FJY E . -3.13 21.17 9.89
C4 FJY E . -4.09 22.10 10.25
F1 FJY E . -4.32 23.15 9.45
C3 FJY E . -4.80 21.96 11.44
C2 FJY E . -4.54 20.87 12.26
N1 FJY E . -5.22 20.74 13.40
C9 FJY E . -5.02 19.71 14.25
C10 FJY E . -5.84 19.71 15.39
C12 FJY E . -7.22 19.60 15.20
C13 FJY E . -8.06 19.60 16.30
C14 FJY E . -7.49 19.72 17.57
N3 FJY E . -6.17 19.82 17.73
C15 FJY E . -5.34 19.83 16.68
#